data_6ZKY
#
_entry.id   6ZKY
#
_cell.length_a   72.040
_cell.length_b   108.870
_cell.length_c   119.450
_cell.angle_alpha   90.00
_cell.angle_beta   90.00
_cell.angle_gamma   90.00
#
_symmetry.space_group_name_H-M   'P 21 21 21'
#
loop_
_entity.id
_entity.type
_entity.pdbx_description
1 polymer 'HLA class I histocompatibility antigen, alpha chain E'
2 polymer Beta-2-microglobulin
3 polymer 'Enoyl-[acyl-carrier-protein] reductase [NADH]'
4 polymer 'T-cell receptor alpha chain'
5 polymer 'T-cell receptor beta chain'
6 water water
#
loop_
_entity_poly.entity_id
_entity_poly.type
_entity_poly.pdbx_seq_one_letter_code
_entity_poly.pdbx_strand_id
1 'polypeptide(L)'
;GSHSLKYFHTSVSRPGRGEPRFISVGYVDDTQFVRFDNDAASPRMVPRAPWMEQEGSEYWDRETRSARDTAQIFRVNLRT
LRGYYNQSEAGSHTLQWMHGCELGPDGRFLRGYEQFAYDGKDYLTLNEDLRSWTAVDTAAQISEQKCNDASEAEHQRAYL
EDTCVEWLHKYLEKGKETLLHLEPPKTHVTHHPISDHEATLRCWALGFYPAEITLTWQQDGEGHTQDTELVETRPAGDGT
FQKWAAVVVPSGEEQRYTCHVQHEGLPEPVTLRWKP
;
A
2 'polypeptide(L)'
;MIQRTPKIQVYSRHPAENGKSNFLNCYVSGFHPSDIEVDLLKNGERIEKVEHSDLSFSKDWSFYLLYYTEFTPTEKDEYA
CRVNHVTLSQPKIVKWDRDM
;
B
3 'polypeptide(L)' RLPAKAPL(QMB) C
4 'polypeptide(L)'
;MAQEVTQIPAALSVPEGENLVLNCSFTDSAIYNLQWFRQDPGKGLTSLLLIQSSQREQTSGRLNASLDKSSGRSTLYIAA
SQPGDSATYLCAVTNQAGTALIFGKGTTLSVSSNIQNPDPAVYQLRDSKSSDKSVCLFTDFDSQTNVSQSKDSDVYITDK
CVLDMRSMDFKSNSAVAWSNKSDFACANAFNNSIIPEDT
;
D
5 'polypeptide(L)'
;NAGVTQTPKFQVLKTGQSMTLQCSQDMNHEYMSWYRQDPGMGLRLIHYSVGAGITDQGEVPNGYNVSRSTTEDFPLRLLS
AAPSQTSVYFCASSYSIRGSRGEQFFGPGTRLTVLEDLKNVFPPEVAVFEPSEAEISHTQKATLVCLATGFYPDHVELSW
WVNGKEVHSGVCTDPQPLKEQPALNDSRYALSSRLRVSATFWQDPRNHFRCQVQFYGLSENDEWTQDRAKPVTQIVSAEA
WGRAD
;
E
#
# COMPACT_ATOMS: atom_id res chain seq x y z
N SER A 2 -11.50 -19.57 28.72
CA SER A 2 -10.02 -19.48 28.48
C SER A 2 -9.71 -19.84 27.02
N HIS A 3 -10.42 -19.22 26.06
CA HIS A 3 -10.28 -19.43 24.59
C HIS A 3 -9.22 -18.49 24.03
N SER A 4 -8.90 -18.62 22.74
CA SER A 4 -7.86 -17.81 22.04
C SER A 4 -7.99 -17.92 20.52
N LEU A 5 -7.71 -16.81 19.82
CA LEU A 5 -7.50 -16.75 18.35
C LEU A 5 -6.03 -16.39 18.07
N LYS A 6 -5.29 -17.30 17.45
CA LYS A 6 -3.83 -17.18 17.20
C LYS A 6 -3.55 -17.50 15.73
N TYR A 7 -2.53 -16.84 15.16
CA TYR A 7 -2.01 -17.10 13.79
C TYR A 7 -0.51 -17.42 13.90
N PHE A 8 -0.03 -18.25 12.98
CA PHE A 8 1.38 -18.70 12.88
C PHE A 8 1.85 -18.46 11.44
N HIS A 9 2.66 -17.41 11.25
CA HIS A 9 3.23 -17.00 9.94
C HIS A 9 4.66 -17.54 9.82
N THR A 10 5.04 -18.02 8.64
CA THR A 10 6.39 -18.55 8.33
C THR A 10 6.83 -18.05 6.96
N SER A 11 7.96 -17.35 6.89
CA SER A 11 8.60 -16.85 5.65
C SER A 11 9.99 -17.49 5.54
N VAL A 12 10.31 -18.05 4.37
CA VAL A 12 11.59 -18.77 4.10
C VAL A 12 12.20 -18.19 2.81
N SER A 13 13.30 -17.44 2.93
CA SER A 13 14.08 -16.89 1.81
C SER A 13 14.61 -18.06 0.97
N ARG A 14 14.41 -18.00 -0.35
CA ARG A 14 14.97 -18.96 -1.34
C ARG A 14 15.67 -18.15 -2.43
N PRO A 15 16.90 -17.66 -2.16
CA PRO A 15 17.58 -16.74 -3.07
C PRO A 15 17.79 -17.32 -4.47
N GLY A 16 17.49 -16.54 -5.51
CA GLY A 16 17.67 -16.90 -6.92
C GLY A 16 16.55 -17.78 -7.46
N ARG A 17 15.59 -18.15 -6.60
CA ARG A 17 14.40 -18.97 -6.96
C ARG A 17 13.13 -18.14 -6.69
N GLY A 18 13.20 -16.83 -6.95
CA GLY A 18 12.06 -15.89 -6.86
C GLY A 18 11.87 -15.32 -5.47
N GLU A 19 10.63 -14.94 -5.13
CA GLU A 19 10.22 -14.40 -3.80
C GLU A 19 10.28 -15.52 -2.77
N PRO A 20 10.35 -15.19 -1.45
CA PRO A 20 10.36 -16.21 -0.41
C PRO A 20 9.07 -17.03 -0.34
N ARG A 21 9.16 -18.23 0.24
CA ARG A 21 7.99 -19.08 0.61
C ARG A 21 7.29 -18.42 1.80
N PHE A 22 5.96 -18.31 1.77
CA PHE A 22 5.15 -17.68 2.84
C PHE A 22 3.88 -18.48 3.12
N ILE A 23 3.69 -18.87 4.39
CA ILE A 23 2.53 -19.67 4.89
C ILE A 23 1.98 -19.03 6.17
N SER A 24 0.69 -18.73 6.18
CA SER A 24 -0.10 -18.33 7.39
C SER A 24 -1.10 -19.44 7.70
N VAL A 25 -1.32 -19.73 8.98
CA VAL A 25 -2.38 -20.66 9.49
C VAL A 25 -3.04 -20.02 10.71
N GLY A 26 -4.37 -20.01 10.73
CA GLY A 26 -5.19 -19.49 11.84
C GLY A 26 -5.73 -20.62 12.70
N TYR A 27 -5.66 -20.47 14.02
CA TYR A 27 -6.16 -21.44 15.03
C TYR A 27 -7.12 -20.74 15.99
N VAL A 28 -8.29 -21.34 16.24
CA VAL A 28 -9.19 -21.03 17.39
C VAL A 28 -9.02 -22.17 18.40
N ASP A 29 -8.49 -21.87 19.59
CA ASP A 29 -8.08 -22.87 20.61
C ASP A 29 -7.04 -23.80 19.97
N ASP A 30 -7.43 -25.04 19.64
CA ASP A 30 -6.54 -26.06 19.01
C ASP A 30 -7.21 -26.59 17.73
N THR A 31 -7.85 -25.70 16.97
CA THR A 31 -8.57 -26.01 15.71
C THR A 31 -8.14 -25.03 14.61
N GLN A 32 -7.37 -25.48 13.63
CA GLN A 32 -7.02 -24.69 12.43
C GLN A 32 -8.31 -24.45 11.63
N PHE A 33 -8.56 -23.20 11.23
CA PHE A 33 -9.81 -22.76 10.55
C PHE A 33 -9.50 -22.04 9.22
N VAL A 34 -8.32 -21.45 9.06
CA VAL A 34 -7.89 -20.82 7.78
C VAL A 34 -6.41 -21.15 7.49
N ARG A 35 -5.98 -20.90 6.26
CA ARG A 35 -4.59 -21.09 5.78
C ARG A 35 -4.34 -20.22 4.54
N PHE A 36 -3.12 -19.70 4.41
CA PHE A 36 -2.58 -19.04 3.19
C PHE A 36 -1.23 -19.67 2.82
N ASP A 37 -1.03 -19.95 1.53
CA ASP A 37 0.25 -20.46 0.96
C ASP A 37 0.52 -19.71 -0.36
N ASN A 38 1.60 -18.92 -0.41
CA ASN A 38 1.94 -18.04 -1.56
C ASN A 38 2.55 -18.87 -2.69
N ASP A 39 2.88 -20.15 -2.45
CA ASP A 39 3.46 -21.07 -3.46
C ASP A 39 2.33 -21.61 -4.35
N ALA A 40 1.76 -20.74 -5.17
CA ALA A 40 0.65 -21.01 -6.12
C ALA A 40 0.36 -19.73 -6.92
N ALA A 41 -0.21 -19.87 -8.12
CA ALA A 41 -0.60 -18.76 -9.02
C ALA A 41 -1.91 -18.15 -8.53
N SER A 42 -1.90 -16.85 -8.22
CA SER A 42 -3.02 -16.11 -7.58
C SER A 42 -3.41 -16.79 -6.27
N PRO A 43 -2.51 -16.79 -5.25
CA PRO A 43 -2.77 -17.50 -4.00
C PRO A 43 -3.84 -16.78 -3.16
N ARG A 44 -4.58 -17.54 -2.33
CA ARG A 44 -5.72 -17.02 -1.55
C ARG A 44 -5.72 -17.63 -0.14
N MET A 45 -6.25 -16.87 0.83
CA MET A 45 -6.70 -17.39 2.14
C MET A 45 -7.93 -18.26 1.88
N VAL A 46 -7.96 -19.48 2.44
CA VAL A 46 -9.02 -20.50 2.18
C VAL A 46 -9.55 -21.03 3.51
N PRO A 47 -10.83 -21.45 3.56
CA PRO A 47 -11.37 -22.09 4.75
C PRO A 47 -10.73 -23.46 4.99
N ARG A 48 -10.47 -23.81 6.25
CA ARG A 48 -9.87 -25.10 6.67
C ARG A 48 -10.63 -25.69 7.87
N ALA A 49 -11.78 -25.11 8.21
CA ALA A 49 -12.80 -25.71 9.10
C ALA A 49 -14.12 -25.76 8.35
N PRO A 50 -14.96 -26.81 8.53
CA PRO A 50 -16.29 -26.84 7.92
C PRO A 50 -17.08 -25.54 8.15
N TRP A 51 -17.01 -24.99 9.37
CA TRP A 51 -17.86 -23.86 9.84
C TRP A 51 -17.40 -22.51 9.27
N MET A 52 -16.42 -22.50 8.35
CA MET A 52 -15.81 -21.25 7.80
C MET A 52 -16.21 -21.02 6.34
N GLU A 53 -16.93 -21.96 5.71
CA GLU A 53 -17.24 -21.95 4.25
C GLU A 53 -18.39 -20.99 3.93
N GLN A 54 -19.16 -20.56 4.95
CA GLN A 54 -20.39 -19.72 4.79
C GLN A 54 -20.03 -18.23 4.85
N GLU A 55 -18.77 -17.90 5.19
CA GLU A 55 -18.24 -16.51 5.15
C GLU A 55 -18.22 -16.01 3.69
N GLY A 56 -18.60 -14.75 3.48
CA GLY A 56 -18.68 -14.13 2.13
C GLY A 56 -17.32 -14.00 1.48
N SER A 57 -17.29 -13.75 0.17
CA SER A 57 -16.04 -13.54 -0.63
C SER A 57 -15.37 -12.22 -0.23
N GLU A 58 -16.13 -11.28 0.36
CA GLU A 58 -15.60 -10.01 0.91
C GLU A 58 -14.58 -10.33 2.02
N TYR A 59 -14.87 -11.34 2.85
CA TYR A 59 -13.97 -11.83 3.93
C TYR A 59 -12.66 -12.35 3.32
N TRP A 60 -12.77 -13.33 2.41
CA TRP A 60 -11.62 -14.04 1.80
C TRP A 60 -10.75 -13.05 0.99
N ASP A 61 -11.39 -12.12 0.27
CA ASP A 61 -10.71 -11.04 -0.50
C ASP A 61 -9.85 -10.19 0.46
N ARG A 62 -10.41 -9.81 1.61
CA ARG A 62 -9.72 -9.01 2.66
C ARG A 62 -8.55 -9.83 3.23
N GLU A 63 -8.83 -11.07 3.66
CA GLU A 63 -7.82 -11.98 4.28
C GLU A 63 -6.68 -12.25 3.29
N THR A 64 -7.03 -12.49 2.01
CA THR A 64 -6.08 -12.66 0.88
C THR A 64 -5.14 -11.46 0.84
N ARG A 65 -5.69 -10.23 0.75
CA ARG A 65 -4.91 -8.97 0.62
C ARG A 65 -4.02 -8.79 1.86
N SER A 66 -4.54 -9.06 3.06
CA SER A 66 -3.82 -8.95 4.36
C SER A 66 -2.62 -9.90 4.36
N ALA A 67 -2.83 -11.18 4.00
CA ALA A 67 -1.79 -12.23 3.94
C ALA A 67 -0.78 -11.92 2.84
N ARG A 68 -1.24 -11.39 1.69
CA ARG A 68 -0.38 -10.99 0.55
C ARG A 68 0.59 -9.89 1.01
N ASP A 69 0.07 -8.86 1.68
CA ASP A 69 0.85 -7.68 2.14
C ASP A 69 1.85 -8.10 3.21
N THR A 70 1.50 -9.10 4.04
CA THR A 70 2.36 -9.64 5.12
C THR A 70 3.55 -10.38 4.51
N ALA A 71 3.30 -11.22 3.50
CA ALA A 71 4.33 -11.92 2.70
C ALA A 71 5.32 -10.90 2.15
N GLN A 72 4.81 -9.80 1.58
CA GLN A 72 5.60 -8.70 0.95
C GLN A 72 6.47 -8.03 2.01
N ILE A 73 5.92 -7.76 3.19
CA ILE A 73 6.64 -7.12 4.33
C ILE A 73 7.70 -8.09 4.87
N PHE A 74 7.38 -9.38 4.96
CA PHE A 74 8.26 -10.44 5.53
C PHE A 74 9.42 -10.74 4.58
N ARG A 75 9.21 -10.56 3.27
CA ARG A 75 10.30 -10.61 2.25
C ARG A 75 11.33 -9.52 2.58
N VAL A 76 10.87 -8.27 2.74
CA VAL A 76 11.70 -7.09 3.13
C VAL A 76 12.41 -7.40 4.46
N ASN A 77 11.67 -7.90 5.46
CA ASN A 77 12.20 -8.22 6.81
C ASN A 77 13.36 -9.22 6.68
N LEU A 78 13.20 -10.26 5.85
CA LEU A 78 14.24 -11.30 5.62
C LEU A 78 15.49 -10.65 5.02
N ARG A 79 15.32 -9.64 4.15
CA ARG A 79 16.44 -8.85 3.56
C ARG A 79 17.15 -8.07 4.65
N THR A 80 16.38 -7.38 5.49
CA THR A 80 16.87 -6.48 6.58
C THR A 80 17.67 -7.33 7.60
N LEU A 81 17.07 -8.40 8.11
CA LEU A 81 17.68 -9.28 9.16
C LEU A 81 18.95 -9.93 8.61
N ARG A 82 18.90 -10.43 7.38
CA ARG A 82 20.09 -10.94 6.63
C ARG A 82 21.22 -9.91 6.78
N GLY A 83 20.91 -8.62 6.55
CA GLY A 83 21.85 -7.50 6.65
C GLY A 83 22.42 -7.30 8.04
N TYR A 84 21.60 -7.52 9.09
CA TYR A 84 21.96 -7.29 10.52
C TYR A 84 22.97 -8.32 11.01
N TYR A 85 22.78 -9.60 10.66
CA TYR A 85 23.61 -10.75 11.13
C TYR A 85 24.81 -10.96 10.19
N ASN A 86 24.96 -10.12 9.17
CA ASN A 86 26.11 -10.09 8.22
C ASN A 86 26.18 -11.44 7.48
N GLN A 87 25.02 -12.02 7.16
CA GLN A 87 24.88 -13.35 6.52
C GLN A 87 24.92 -13.20 5.00
N SER A 88 25.12 -14.31 4.29
CA SER A 88 25.23 -14.39 2.80
C SER A 88 23.84 -14.29 2.17
N GLU A 89 23.77 -13.83 0.91
CA GLU A 89 22.55 -13.81 0.06
C GLU A 89 22.36 -15.16 -0.64
N ALA A 90 23.14 -16.18 -0.24
CA ALA A 90 23.10 -17.55 -0.80
C ALA A 90 22.31 -18.48 0.12
N GLY A 91 22.34 -18.24 1.43
CA GLY A 91 21.66 -19.08 2.45
C GLY A 91 20.17 -18.83 2.49
N SER A 92 19.40 -19.85 2.88
CA SER A 92 17.94 -19.77 3.18
C SER A 92 17.77 -19.43 4.67
N HIS A 93 16.88 -18.50 5.01
CA HIS A 93 16.65 -18.00 6.40
C HIS A 93 15.15 -17.96 6.69
N THR A 94 14.79 -18.25 7.94
CA THR A 94 13.39 -18.50 8.40
C THR A 94 12.97 -17.43 9.42
N LEU A 95 12.08 -16.52 9.00
CA LEU A 95 11.39 -15.54 9.89
C LEU A 95 10.02 -16.11 10.26
N GLN A 96 9.73 -16.21 11.56
CA GLN A 96 8.45 -16.75 12.12
C GLN A 96 7.76 -15.66 12.96
N TRP A 97 6.46 -15.49 12.78
CA TRP A 97 5.62 -14.49 13.50
C TRP A 97 4.41 -15.20 14.12
N MET A 98 4.24 -15.05 15.43
CA MET A 98 3.17 -15.67 16.25
C MET A 98 2.47 -14.56 17.05
N HIS A 99 1.19 -14.33 16.76
CA HIS A 99 0.34 -13.32 17.45
C HIS A 99 -1.02 -13.95 17.78
N GLY A 100 -1.63 -13.54 18.90
CA GLY A 100 -2.98 -13.98 19.30
C GLY A 100 -3.48 -13.25 20.53
N CYS A 101 -4.78 -13.29 20.76
CA CYS A 101 -5.49 -12.73 21.94
C CYS A 101 -6.19 -13.85 22.70
N GLU A 102 -6.31 -13.71 24.04
CA GLU A 102 -6.98 -14.69 24.93
C GLU A 102 -8.19 -14.03 25.60
N LEU A 103 -9.29 -14.77 25.75
CA LEU A 103 -10.50 -14.37 26.52
C LEU A 103 -10.41 -14.96 27.93
N GLY A 104 -10.81 -14.18 28.94
CA GLY A 104 -10.86 -14.61 30.35
C GLY A 104 -12.06 -15.52 30.60
N PRO A 105 -12.27 -15.96 31.86
CA PRO A 105 -13.49 -16.68 32.24
C PRO A 105 -14.76 -15.89 31.89
N ASP A 106 -14.75 -14.57 32.10
CA ASP A 106 -15.90 -13.66 31.88
C ASP A 106 -16.18 -13.49 30.39
N GLY A 107 -15.25 -13.92 29.51
CA GLY A 107 -15.41 -13.88 28.05
C GLY A 107 -15.05 -12.52 27.47
N ARG A 108 -14.39 -11.65 28.25
CA ARG A 108 -13.81 -10.37 27.79
C ARG A 108 -12.31 -10.57 27.57
N PHE A 109 -11.67 -9.66 26.81
CA PHE A 109 -10.21 -9.63 26.56
C PHE A 109 -9.46 -9.92 27.87
N LEU A 110 -8.52 -10.86 27.84
CA LEU A 110 -7.66 -11.21 29.01
C LEU A 110 -6.24 -10.71 28.77
N ARG A 111 -5.65 -11.05 27.63
CA ARG A 111 -4.23 -10.73 27.31
C ARG A 111 -3.95 -10.93 25.82
N GLY A 112 -2.93 -10.23 25.32
CA GLY A 112 -2.40 -10.35 23.95
C GLY A 112 -0.90 -10.60 23.97
N TYR A 113 -0.38 -11.19 22.90
CA TYR A 113 1.07 -11.47 22.69
C TYR A 113 1.40 -11.48 21.20
N GLU A 114 2.56 -10.95 20.84
CA GLU A 114 3.26 -11.17 19.54
C GLU A 114 4.73 -11.48 19.83
N GLN A 115 5.32 -12.38 19.04
CA GLN A 115 6.76 -12.71 19.09
C GLN A 115 7.27 -12.94 17.67
N PHE A 116 8.51 -12.52 17.40
CA PHE A 116 9.26 -12.84 16.15
C PHE A 116 10.39 -13.81 16.50
N ALA A 117 10.77 -14.65 15.54
CA ALA A 117 11.94 -15.55 15.62
C ALA A 117 12.65 -15.57 14.26
N TYR A 118 13.98 -15.45 14.29
CA TYR A 118 14.87 -15.58 13.10
C TYR A 118 15.71 -16.85 13.26
N ASP A 119 15.63 -17.76 12.29
CA ASP A 119 16.35 -19.07 12.26
C ASP A 119 16.01 -19.87 13.54
N GLY A 120 14.74 -19.84 13.95
CA GLY A 120 14.18 -20.67 15.04
C GLY A 120 14.57 -20.18 16.43
N LYS A 121 14.91 -18.88 16.56
CA LYS A 121 15.45 -18.30 17.83
C LYS A 121 14.68 -17.01 18.14
N ASP A 122 14.21 -16.87 19.39
CA ASP A 122 13.46 -15.68 19.88
C ASP A 122 14.23 -14.42 19.45
N TYR A 123 13.58 -13.52 18.72
CA TYR A 123 14.19 -12.29 18.13
C TYR A 123 13.62 -11.05 18.83
N LEU A 124 12.31 -10.81 18.69
CA LEU A 124 11.62 -9.57 19.16
C LEU A 124 10.26 -9.94 19.75
N THR A 125 10.11 -9.78 21.07
CA THR A 125 8.85 -10.03 21.84
C THR A 125 8.15 -8.71 22.12
N LEU A 126 6.82 -8.66 21.93
CA LEU A 126 5.95 -7.54 22.37
C LEU A 126 5.66 -7.72 23.86
N ASN A 127 5.82 -6.66 24.65
CA ASN A 127 5.65 -6.66 26.13
C ASN A 127 4.17 -6.83 26.47
N GLU A 128 3.85 -7.12 27.73
CA GLU A 128 2.47 -7.39 28.22
C GLU A 128 1.66 -6.07 28.23
N ASP A 129 2.32 -4.92 28.19
CA ASP A 129 1.65 -3.59 28.07
C ASP A 129 1.19 -3.37 26.62
N LEU A 130 1.72 -4.15 25.66
CA LEU A 130 1.35 -4.15 24.22
C LEU A 130 1.64 -2.76 23.62
N ARG A 131 2.64 -2.05 24.14
CA ARG A 131 2.99 -0.66 23.72
C ARG A 131 4.49 -0.54 23.43
N SER A 132 5.25 -1.64 23.54
CA SER A 132 6.73 -1.65 23.52
C SER A 132 7.23 -3.09 23.32
N TRP A 133 8.48 -3.24 22.83
CA TRP A 133 9.11 -4.54 22.49
C TRP A 133 10.32 -4.81 23.40
N THR A 134 10.63 -6.09 23.59
CA THR A 134 11.85 -6.60 24.26
C THR A 134 12.69 -7.34 23.21
N ALA A 135 13.69 -6.66 22.62
CA ALA A 135 14.71 -7.25 21.74
C ALA A 135 15.50 -8.29 22.55
N VAL A 136 15.24 -9.58 22.29
CA VAL A 136 15.86 -10.74 23.03
C VAL A 136 17.35 -10.82 22.67
N ASP A 137 17.73 -10.32 21.48
CA ASP A 137 19.11 -10.31 20.95
C ASP A 137 19.52 -8.85 20.67
N THR A 138 20.83 -8.56 20.66
CA THR A 138 21.39 -7.19 20.46
C THR A 138 21.19 -6.77 18.99
N ALA A 139 21.03 -7.72 18.07
CA ALA A 139 20.72 -7.50 16.64
C ALA A 139 19.29 -6.97 16.49
N ALA A 140 18.40 -7.35 17.42
CA ALA A 140 16.96 -6.98 17.44
C ALA A 140 16.76 -5.60 18.08
N GLN A 141 17.82 -4.99 18.64
CA GLN A 141 17.79 -3.63 19.24
C GLN A 141 17.49 -2.61 18.14
N ILE A 142 18.12 -2.77 16.96
CA ILE A 142 17.92 -1.89 15.77
C ILE A 142 16.46 -1.98 15.34
N SER A 143 15.89 -3.19 15.35
CA SER A 143 14.46 -3.47 15.01
C SER A 143 13.53 -2.83 16.05
N GLU A 144 13.83 -3.02 17.34
CA GLU A 144 13.07 -2.45 18.49
C GLU A 144 12.97 -0.93 18.32
N GLN A 145 14.11 -0.26 18.16
CA GLN A 145 14.21 1.21 17.93
C GLN A 145 13.37 1.60 16.71
N LYS A 146 13.32 0.73 15.69
CA LYS A 146 12.61 0.99 14.41
C LYS A 146 11.10 0.93 14.62
N CYS A 147 10.60 -0.13 15.26
CA CYS A 147 9.15 -0.39 15.50
C CYS A 147 8.58 0.61 16.51
N ASN A 148 9.42 1.22 17.36
CA ASN A 148 9.01 2.27 18.32
C ASN A 148 8.87 3.61 17.60
N ASP A 149 9.77 3.91 16.65
CA ASP A 149 9.76 5.16 15.84
C ASP A 149 8.49 5.23 14.99
N ALA A 150 7.99 4.09 14.53
CA ALA A 150 6.81 3.97 13.63
C ALA A 150 5.54 3.75 14.46
N SER A 151 5.65 3.63 15.79
CA SER A 151 4.54 3.32 16.72
C SER A 151 3.81 2.06 16.21
N GLU A 152 4.58 0.98 16.02
CA GLU A 152 4.11 -0.28 15.39
C GLU A 152 3.21 -1.04 16.38
N ALA A 153 3.58 -1.01 17.67
CA ALA A 153 2.86 -1.67 18.79
C ALA A 153 1.43 -1.13 18.89
N GLU A 154 1.26 0.17 18.62
CA GLU A 154 -0.05 0.89 18.59
C GLU A 154 -1.08 0.08 17.78
N HIS A 155 -0.75 -0.24 16.53
CA HIS A 155 -1.64 -0.92 15.55
C HIS A 155 -1.85 -2.38 15.97
N GLN A 156 -0.83 -3.03 16.53
CA GLN A 156 -0.89 -4.43 17.01
C GLN A 156 -1.78 -4.49 18.27
N ARG A 157 -1.68 -3.49 19.15
CA ARG A 157 -2.54 -3.35 20.36
C ARG A 157 -4.00 -3.27 19.91
N ALA A 158 -4.31 -2.37 18.97
CA ALA A 158 -5.65 -2.13 18.40
C ALA A 158 -6.22 -3.45 17.87
N TYR A 159 -5.41 -4.25 17.17
CA TYR A 159 -5.83 -5.57 16.63
C TYR A 159 -6.08 -6.54 17.79
N LEU A 160 -5.09 -6.70 18.67
CA LEU A 160 -5.09 -7.71 19.76
C LEU A 160 -6.23 -7.41 20.76
N GLU A 161 -6.47 -6.13 21.09
CA GLU A 161 -7.45 -5.72 22.13
C GLU A 161 -8.86 -5.68 21.54
N ASP A 162 -9.05 -5.08 20.35
CA ASP A 162 -10.38 -4.88 19.74
C ASP A 162 -10.65 -5.99 18.71
N THR A 163 -10.08 -5.87 17.51
CA THR A 163 -10.43 -6.69 16.31
C THR A 163 -10.36 -8.18 16.65
N CYS A 164 -9.23 -8.63 17.22
CA CYS A 164 -8.95 -10.06 17.55
C CYS A 164 -10.08 -10.63 18.42
N VAL A 165 -10.44 -9.92 19.50
CA VAL A 165 -11.44 -10.35 20.51
C VAL A 165 -12.83 -10.43 19.85
N GLU A 166 -13.18 -9.43 19.04
CA GLU A 166 -14.48 -9.33 18.34
C GLU A 166 -14.67 -10.56 17.44
N TRP A 167 -13.67 -10.88 16.64
CA TRP A 167 -13.73 -11.98 15.63
C TRP A 167 -13.60 -13.35 16.33
N LEU A 168 -12.86 -13.44 17.43
CA LEU A 168 -12.79 -14.68 18.25
C LEU A 168 -14.21 -15.06 18.68
N HIS A 169 -15.00 -14.07 19.13
CA HIS A 169 -16.43 -14.24 19.51
C HIS A 169 -17.24 -14.74 18.31
N LYS A 170 -17.07 -14.13 17.14
CA LYS A 170 -17.77 -14.48 15.87
C LYS A 170 -17.47 -15.94 15.50
N TYR A 171 -16.21 -16.37 15.62
CA TYR A 171 -15.76 -17.73 15.23
C TYR A 171 -16.34 -18.75 16.21
N LEU A 172 -16.31 -18.43 17.51
CA LEU A 172 -16.80 -19.32 18.60
C LEU A 172 -18.30 -19.59 18.43
N GLU A 173 -19.06 -18.62 17.87
CA GLU A 173 -20.51 -18.78 17.56
C GLU A 173 -20.66 -19.62 16.29
N LYS A 174 -19.98 -19.24 15.21
CA LYS A 174 -20.06 -19.89 13.87
C LYS A 174 -19.70 -21.39 13.98
N GLY A 175 -18.71 -21.73 14.81
CA GLY A 175 -18.21 -23.12 14.96
C GLY A 175 -18.51 -23.71 16.31
N LYS A 176 -19.57 -23.23 16.99
CA LYS A 176 -19.85 -23.53 18.42
C LYS A 176 -20.04 -25.03 18.64
N GLU A 177 -20.65 -25.74 17.68
CA GLU A 177 -21.00 -27.19 17.81
C GLU A 177 -19.72 -28.01 18.01
N THR A 178 -18.60 -27.60 17.40
CA THR A 178 -17.29 -28.29 17.44
C THR A 178 -16.37 -27.63 18.48
N LEU A 179 -16.27 -26.30 18.46
CA LEU A 179 -15.28 -25.51 19.26
C LEU A 179 -15.59 -25.63 20.76
N LEU A 180 -16.86 -25.53 21.16
CA LEU A 180 -17.30 -25.49 22.58
C LEU A 180 -17.64 -26.90 23.10
N HIS A 181 -17.31 -27.96 22.34
CA HIS A 181 -17.52 -29.37 22.75
C HIS A 181 -16.27 -29.90 23.46
N LEU A 182 -16.42 -30.38 24.69
CA LEU A 182 -15.32 -30.98 25.51
C LEU A 182 -15.37 -32.50 25.36
N GLU A 183 -14.56 -33.06 24.46
CA GLU A 183 -14.38 -34.53 24.28
C GLU A 183 -13.34 -35.03 25.28
N PRO A 184 -13.73 -35.83 26.28
CA PRO A 184 -12.78 -36.32 27.28
C PRO A 184 -11.96 -37.45 26.69
N PRO A 185 -10.74 -37.72 27.21
CA PRO A 185 -9.93 -38.83 26.71
C PRO A 185 -10.53 -40.20 27.07
N LYS A 186 -10.60 -41.10 26.09
CA LYS A 186 -10.78 -42.56 26.29
C LYS A 186 -9.41 -43.12 26.69
N THR A 187 -9.27 -43.59 27.94
CA THR A 187 -7.97 -43.87 28.60
C THR A 187 -7.88 -45.37 28.94
N HIS A 188 -6.70 -45.98 28.74
CA HIS A 188 -6.39 -47.38 29.11
C HIS A 188 -4.87 -47.54 29.29
N VAL A 189 -4.43 -48.71 29.76
CA VAL A 189 -3.01 -49.03 30.08
C VAL A 189 -2.61 -50.29 29.29
N THR A 190 -1.41 -50.29 28.69
CA THR A 190 -0.84 -51.42 27.92
C THR A 190 0.53 -51.81 28.50
N HIS A 191 0.77 -53.12 28.64
CA HIS A 191 2.01 -53.73 29.21
C HIS A 191 2.88 -54.25 28.06
N HIS A 192 4.13 -53.76 27.95
CA HIS A 192 5.12 -54.11 26.90
C HIS A 192 6.41 -54.57 27.55
N PRO A 193 6.61 -55.89 27.79
CA PRO A 193 7.90 -56.41 28.23
C PRO A 193 9.05 -56.02 27.29
N ILE A 194 10.13 -55.46 27.84
CA ILE A 194 11.32 -54.94 27.09
C ILE A 194 12.55 -55.82 27.36
N SER A 195 12.58 -56.54 28.49
CA SER A 195 13.67 -57.47 28.88
C SER A 195 13.15 -58.49 29.90
N ASP A 196 14.04 -59.33 30.43
CA ASP A 196 13.72 -60.35 31.46
C ASP A 196 13.22 -59.66 32.74
N HIS A 197 13.86 -58.56 33.13
CA HIS A 197 13.71 -57.91 34.46
C HIS A 197 12.74 -56.71 34.37
N GLU A 198 12.63 -56.07 33.20
CA GLU A 198 11.86 -54.80 33.02
C GLU A 198 10.70 -54.99 32.04
N ALA A 199 9.63 -54.21 32.26
CA ALA A 199 8.49 -54.04 31.33
C ALA A 199 8.15 -52.54 31.25
N THR A 200 7.27 -52.17 30.30
CA THR A 200 6.86 -50.77 30.05
C THR A 200 5.33 -50.68 30.21
N LEU A 201 4.88 -49.88 31.18
CA LEU A 201 3.45 -49.47 31.32
C LEU A 201 3.25 -48.16 30.55
N ARG A 202 2.40 -48.19 29.51
CA ARG A 202 2.13 -47.05 28.60
C ARG A 202 0.68 -46.62 28.83
N CYS A 203 0.47 -45.42 29.40
CA CYS A 203 -0.86 -44.85 29.74
C CYS A 203 -1.39 -44.04 28.55
N TRP A 204 -2.48 -44.51 27.94
CA TRP A 204 -3.06 -43.93 26.70
C TRP A 204 -4.16 -42.92 27.04
N ALA A 205 -4.29 -41.89 26.22
CA ALA A 205 -5.40 -40.90 26.20
C ALA A 205 -5.73 -40.60 24.73
N LEU A 206 -6.91 -41.02 24.27
CA LEU A 206 -7.29 -41.04 22.83
C LEU A 206 -8.57 -40.21 22.60
N GLY A 207 -8.63 -39.52 21.46
CA GLY A 207 -9.81 -38.80 20.97
C GLY A 207 -10.29 -37.74 21.93
N PHE A 208 -9.37 -36.98 22.54
CA PHE A 208 -9.68 -35.89 23.51
C PHE A 208 -9.50 -34.53 22.82
N TYR A 209 -10.30 -33.55 23.25
CA TYR A 209 -10.24 -32.12 22.83
C TYR A 209 -10.74 -31.26 23.99
N PRO A 210 -10.06 -30.15 24.36
CA PRO A 210 -8.88 -29.63 23.65
C PRO A 210 -7.59 -30.44 23.84
N ALA A 211 -6.45 -29.91 23.40
CA ALA A 211 -5.13 -30.59 23.37
C ALA A 211 -4.50 -30.63 24.78
N GLU A 212 -4.83 -29.66 25.64
CA GLU A 212 -4.27 -29.56 27.02
C GLU A 212 -4.69 -30.81 27.81
N ILE A 213 -3.71 -31.55 28.33
CA ILE A 213 -3.93 -32.79 29.12
C ILE A 213 -2.69 -33.04 30.00
N THR A 214 -2.88 -33.61 31.19
CA THR A 214 -1.82 -33.94 32.17
C THR A 214 -1.87 -35.45 32.46
N LEU A 215 -0.82 -36.18 32.06
CA LEU A 215 -0.63 -37.63 32.33
C LEU A 215 0.57 -37.81 33.26
N THR A 216 0.36 -38.47 34.40
CA THR A 216 1.41 -38.74 35.42
C THR A 216 1.26 -40.16 35.98
N TRP A 217 2.39 -40.82 36.25
CA TRP A 217 2.48 -42.18 36.86
C TRP A 217 2.89 -42.04 38.33
N GLN A 218 2.22 -42.78 39.22
CA GLN A 218 2.53 -42.87 40.67
C GLN A 218 2.62 -44.35 41.07
N GLN A 219 3.26 -44.63 42.22
CA GLN A 219 3.48 -46.00 42.75
C GLN A 219 2.93 -46.07 44.19
N ASP A 220 2.20 -47.14 44.50
CA ASP A 220 1.68 -47.43 45.87
C ASP A 220 2.87 -47.67 46.79
N GLY A 221 2.88 -47.01 47.95
CA GLY A 221 4.10 -46.69 48.71
C GLY A 221 4.66 -45.36 48.22
N GLU A 222 5.63 -45.41 47.29
CA GLU A 222 6.06 -44.28 46.42
C GLU A 222 7.26 -44.74 45.58
N THR A 225 9.31 -45.04 42.23
CA THR A 225 8.93 -44.49 40.89
C THR A 225 10.19 -44.28 40.04
N GLN A 226 10.07 -44.45 38.71
CA GLN A 226 11.10 -44.13 37.70
C GLN A 226 10.63 -42.91 36.89
N ASP A 227 11.55 -42.20 36.25
CA ASP A 227 11.26 -40.93 35.50
C ASP A 227 10.50 -41.29 34.22
N THR A 228 9.31 -40.71 34.04
CA THR A 228 8.31 -41.03 32.98
C THR A 228 8.82 -40.64 31.59
N GLU A 229 8.63 -41.51 30.59
CA GLU A 229 8.73 -41.16 29.15
C GLU A 229 7.38 -40.57 28.71
N LEU A 230 7.39 -39.35 28.18
CA LEU A 230 6.17 -38.57 27.83
C LEU A 230 6.29 -38.10 26.38
N VAL A 231 5.57 -38.76 25.46
CA VAL A 231 5.58 -38.47 24.00
C VAL A 231 4.80 -37.16 23.76
N GLU A 232 5.14 -36.43 22.70
CA GLU A 232 4.49 -35.15 22.32
C GLU A 232 3.04 -35.44 21.90
N THR A 233 2.11 -34.55 22.26
CA THR A 233 0.67 -34.63 21.90
C THR A 233 0.55 -34.54 20.38
N ARG A 234 -0.14 -35.51 19.77
CA ARG A 234 -0.24 -35.69 18.29
C ARG A 234 -1.69 -35.61 17.86
N PRO A 235 -1.97 -35.14 16.62
CA PRO A 235 -3.34 -35.12 16.08
C PRO A 235 -3.78 -36.49 15.57
N ALA A 236 -5.00 -36.91 15.91
CA ALA A 236 -5.66 -38.13 15.39
C ALA A 236 -6.06 -37.89 13.92
N GLY A 237 -6.25 -36.62 13.53
CA GLY A 237 -6.57 -36.20 12.17
C GLY A 237 -8.07 -35.95 11.98
N ASP A 238 -8.84 -35.97 13.07
CA ASP A 238 -10.32 -35.82 13.07
C ASP A 238 -10.72 -34.60 13.90
N GLY A 239 -9.74 -33.80 14.36
CA GLY A 239 -9.97 -32.63 15.23
C GLY A 239 -9.61 -32.92 16.68
N THR A 240 -9.55 -34.20 17.07
CA THR A 240 -9.15 -34.66 18.43
C THR A 240 -7.65 -34.98 18.47
N PHE A 241 -7.14 -35.29 19.65
CA PHE A 241 -5.68 -35.50 19.92
C PHE A 241 -5.46 -36.84 20.64
N GLN A 242 -4.22 -37.33 20.55
CA GLN A 242 -3.71 -38.56 21.23
C GLN A 242 -2.45 -38.19 22.01
N LYS A 243 -2.20 -38.88 23.12
CA LYS A 243 -0.95 -38.78 23.93
C LYS A 243 -0.83 -40.03 24.79
N TRP A 244 0.39 -40.55 24.96
CA TRP A 244 0.70 -41.63 25.93
C TRP A 244 1.89 -41.23 26.80
N ALA A 245 1.86 -41.63 28.07
CA ALA A 245 2.96 -41.56 29.05
C ALA A 245 3.40 -42.99 29.36
N ALA A 246 4.70 -43.28 29.25
CA ALA A 246 5.28 -44.63 29.49
C ALA A 246 6.24 -44.57 30.69
N VAL A 247 6.30 -45.66 31.47
CA VAL A 247 7.19 -45.81 32.65
C VAL A 247 7.75 -47.24 32.66
N VAL A 248 9.09 -47.36 32.73
CA VAL A 248 9.81 -48.65 32.85
C VAL A 248 9.71 -49.14 34.30
N VAL A 249 9.21 -50.36 34.52
CA VAL A 249 8.94 -50.94 35.86
C VAL A 249 9.51 -52.36 35.93
N PRO A 250 9.90 -52.86 37.12
CA PRO A 250 10.28 -54.26 37.28
C PRO A 250 9.09 -55.21 37.04
N SER A 251 9.26 -56.21 36.18
CA SER A 251 8.20 -57.17 35.74
C SER A 251 7.66 -57.94 36.95
N GLY A 252 6.34 -58.09 37.03
CA GLY A 252 5.61 -58.69 38.17
C GLY A 252 5.02 -57.65 39.10
N GLU A 253 5.57 -56.43 39.08
CA GLU A 253 5.21 -55.32 40.01
C GLU A 253 4.44 -54.22 39.25
N GLU A 254 3.58 -54.60 38.31
CA GLU A 254 2.87 -53.66 37.40
C GLU A 254 1.64 -53.09 38.10
N GLN A 255 0.96 -53.89 38.94
CA GLN A 255 -0.30 -53.51 39.63
C GLN A 255 0.00 -52.60 40.84
N ARG A 256 1.26 -52.20 41.03
CA ARG A 256 1.68 -51.22 42.07
C ARG A 256 1.56 -49.79 41.52
N TYR A 257 1.57 -49.64 40.19
CA TYR A 257 1.64 -48.33 39.47
C TYR A 257 0.23 -47.89 39.04
N THR A 258 -0.11 -46.63 39.33
CA THR A 258 -1.39 -45.97 38.92
C THR A 258 -1.08 -44.81 37.96
N CYS A 259 -1.88 -44.68 36.91
CA CYS A 259 -1.86 -43.53 35.97
C CYS A 259 -2.95 -42.52 36.37
N HIS A 260 -2.62 -41.23 36.34
CA HIS A 260 -3.52 -40.11 36.72
C HIS A 260 -3.68 -39.16 35.52
N VAL A 261 -4.91 -39.03 35.02
CA VAL A 261 -5.26 -38.21 33.83
C VAL A 261 -6.06 -36.98 34.30
N GLN A 262 -5.74 -35.80 33.75
CA GLN A 262 -6.44 -34.52 34.02
C GLN A 262 -6.75 -33.83 32.69
N HIS A 263 -8.04 -33.57 32.43
CA HIS A 263 -8.58 -32.93 31.20
C HIS A 263 -9.81 -32.08 31.56
N GLU A 264 -10.03 -30.98 30.84
CA GLU A 264 -11.18 -30.06 31.05
C GLU A 264 -12.49 -30.84 30.93
N GLY A 265 -12.54 -31.81 30.02
CA GLY A 265 -13.71 -32.66 29.74
C GLY A 265 -13.94 -33.74 30.78
N LEU A 266 -13.06 -33.85 31.78
CA LEU A 266 -13.23 -34.77 32.94
C LEU A 266 -13.70 -33.97 34.16
N PRO A 267 -14.89 -34.27 34.74
CA PRO A 267 -15.31 -33.61 35.97
C PRO A 267 -14.31 -33.81 37.11
N GLU A 268 -13.91 -35.05 37.37
CA GLU A 268 -12.88 -35.45 38.36
C GLU A 268 -11.71 -36.11 37.63
N PRO A 269 -10.46 -35.98 38.13
CA PRO A 269 -9.32 -36.68 37.53
C PRO A 269 -9.50 -38.21 37.56
N VAL A 270 -9.23 -38.87 36.43
CA VAL A 270 -9.37 -40.35 36.26
C VAL A 270 -8.08 -41.03 36.74
N THR A 271 -8.22 -42.12 37.50
CA THR A 271 -7.12 -43.02 37.93
C THR A 271 -7.28 -44.37 37.22
N LEU A 272 -6.23 -44.83 36.52
CA LEU A 272 -6.18 -46.17 35.87
C LEU A 272 -5.12 -47.03 36.57
N ARG A 273 -5.28 -48.34 36.49
CA ARG A 273 -4.31 -49.36 36.97
C ARG A 273 -4.37 -50.56 36.01
N TRP A 274 -3.22 -51.09 35.59
CA TRP A 274 -3.13 -52.24 34.66
C TRP A 274 -3.60 -53.51 35.38
N LYS A 275 -4.67 -54.12 34.90
CA LYS A 275 -5.13 -55.48 35.31
C LYS A 275 -4.59 -56.48 34.29
N PRO A 276 -4.03 -57.64 34.72
CA PRO A 276 -3.77 -58.75 33.80
C PRO A 276 -5.05 -59.54 33.51
N MET B 1 22.55 -19.73 13.21
CA MET B 1 21.72 -20.90 12.74
C MET B 1 21.73 -21.98 13.82
N ILE B 2 20.54 -22.46 14.21
CA ILE B 2 20.34 -23.64 15.12
C ILE B 2 19.30 -24.57 14.49
N GLN B 3 19.73 -25.80 14.15
CA GLN B 3 18.93 -26.81 13.40
C GLN B 3 18.56 -27.95 14.34
N ARG B 4 17.26 -28.28 14.42
CA ARG B 4 16.71 -29.38 15.25
C ARG B 4 16.19 -30.50 14.34
N THR B 5 16.38 -31.76 14.77
CA THR B 5 16.07 -32.98 13.99
C THR B 5 14.60 -33.36 14.19
N PRO B 6 13.91 -33.87 13.14
CA PRO B 6 12.52 -34.31 13.28
C PRO B 6 12.34 -35.46 14.28
N LYS B 7 11.35 -35.31 15.17
CA LYS B 7 10.76 -36.41 15.98
C LYS B 7 9.62 -37.01 15.15
N ILE B 8 9.65 -38.32 14.90
CA ILE B 8 8.73 -39.02 13.96
C ILE B 8 7.86 -39.99 14.75
N GLN B 9 6.54 -39.82 14.68
CA GLN B 9 5.53 -40.77 15.21
C GLN B 9 4.72 -41.31 14.02
N VAL B 10 4.53 -42.63 13.96
CA VAL B 10 3.64 -43.31 12.99
C VAL B 10 2.58 -44.09 13.79
N TYR B 11 1.30 -43.85 13.49
CA TYR B 11 0.15 -44.30 14.30
C TYR B 11 -1.14 -44.20 13.49
N SER B 12 -2.11 -45.05 13.81
CA SER B 12 -3.48 -45.03 13.24
C SER B 12 -4.36 -44.07 14.06
N ARG B 13 -5.44 -43.56 13.45
CA ARG B 13 -6.43 -42.65 14.09
C ARG B 13 -7.18 -43.41 15.19
N HIS B 14 -7.75 -44.57 14.83
CA HIS B 14 -8.50 -45.47 15.75
C HIS B 14 -7.69 -46.75 15.98
N PRO B 15 -7.94 -47.49 17.09
CA PRO B 15 -7.30 -48.78 17.30
C PRO B 15 -7.51 -49.69 16.08
N ALA B 16 -6.41 -50.03 15.39
CA ALA B 16 -6.41 -50.80 14.13
C ALA B 16 -6.93 -52.22 14.38
N GLU B 17 -7.81 -52.70 13.51
CA GLU B 17 -8.20 -54.14 13.40
C GLU B 17 -8.16 -54.52 11.91
N ASN B 18 -7.49 -55.64 11.61
CA ASN B 18 -7.17 -56.07 10.22
C ASN B 18 -8.45 -56.14 9.40
N GLY B 19 -8.39 -55.68 8.15
CA GLY B 19 -9.52 -55.67 7.19
C GLY B 19 -10.65 -54.74 7.63
N LYS B 20 -10.32 -53.65 8.33
CA LYS B 20 -11.26 -52.55 8.65
C LYS B 20 -10.61 -51.22 8.28
N SER B 21 -11.33 -50.36 7.55
CA SER B 21 -10.87 -49.05 7.05
C SER B 21 -10.46 -48.16 8.22
N ASN B 22 -9.28 -47.53 8.14
CA ASN B 22 -8.69 -46.67 9.19
C ASN B 22 -7.91 -45.54 8.51
N PHE B 23 -7.21 -44.70 9.28
CA PHE B 23 -6.34 -43.60 8.78
C PHE B 23 -4.93 -43.75 9.34
N LEU B 24 -3.93 -43.90 8.47
CA LEU B 24 -2.49 -43.98 8.84
C LEU B 24 -1.92 -42.56 8.92
N ASN B 25 -1.40 -42.19 10.10
CA ASN B 25 -0.85 -40.84 10.38
C ASN B 25 0.67 -40.95 10.55
N CYS B 26 1.41 -39.99 9.98
CA CYS B 26 2.85 -39.74 10.29
C CYS B 26 3.01 -38.31 10.78
N TYR B 27 3.23 -38.15 12.08
CA TYR B 27 3.44 -36.83 12.75
C TYR B 27 4.95 -36.57 12.84
N VAL B 28 5.43 -35.57 12.10
CA VAL B 28 6.83 -35.07 12.16
C VAL B 28 6.78 -33.70 12.88
N SER B 29 7.47 -33.59 14.02
CA SER B 29 7.48 -32.37 14.88
C SER B 29 8.86 -32.18 15.51
N GLY B 30 9.15 -30.94 15.93
CA GLY B 30 10.36 -30.59 16.71
C GLY B 30 11.54 -30.25 15.82
N PHE B 31 11.30 -29.94 14.54
CA PHE B 31 12.34 -29.81 13.49
C PHE B 31 12.46 -28.37 12.97
N HIS B 32 13.65 -28.02 12.46
CA HIS B 32 14.01 -26.68 11.92
C HIS B 32 15.25 -26.83 11.03
N PRO B 33 15.30 -26.24 9.81
CA PRO B 33 14.22 -25.41 9.26
C PRO B 33 13.03 -26.19 8.70
N SER B 34 12.09 -25.50 8.05
CA SER B 34 10.77 -26.03 7.61
C SER B 34 10.93 -27.11 6.52
N ASP B 35 11.77 -26.85 5.50
CA ASP B 35 11.99 -27.75 4.33
C ASP B 35 12.11 -29.20 4.82
N ILE B 36 11.17 -30.07 4.41
CA ILE B 36 11.15 -31.52 4.79
C ILE B 36 10.51 -32.32 3.65
N GLU B 37 11.01 -33.53 3.40
CA GLU B 37 10.41 -34.54 2.48
C GLU B 37 9.85 -35.67 3.33
N VAL B 38 8.57 -36.00 3.16
CA VAL B 38 7.88 -37.09 3.91
C VAL B 38 7.04 -37.92 2.92
N ASP B 39 7.26 -39.23 2.92
CA ASP B 39 6.46 -40.23 2.18
C ASP B 39 5.96 -41.28 3.17
N LEU B 40 4.69 -41.69 3.04
CA LEU B 40 4.14 -42.90 3.69
C LEU B 40 4.37 -44.09 2.75
N LEU B 41 4.77 -45.24 3.29
CA LEU B 41 5.15 -46.45 2.50
C LEU B 41 4.25 -47.63 2.88
N LYS B 42 3.69 -48.31 1.88
CA LYS B 42 3.06 -49.65 2.01
C LYS B 42 4.04 -50.69 1.43
N ASN B 43 4.59 -51.56 2.29
CA ASN B 43 5.53 -52.64 1.92
C ASN B 43 6.81 -52.06 1.30
N GLY B 44 7.23 -50.88 1.77
CA GLY B 44 8.47 -50.19 1.31
C GLY B 44 8.25 -49.35 0.05
N GLU B 45 7.07 -49.44 -0.57
CA GLU B 45 6.70 -48.69 -1.80
C GLU B 45 5.93 -47.42 -1.40
N ARG B 46 6.20 -46.31 -2.09
CA ARG B 46 5.59 -44.98 -1.83
C ARG B 46 4.08 -45.03 -2.07
N ILE B 47 3.30 -44.38 -1.21
CA ILE B 47 1.81 -44.21 -1.33
C ILE B 47 1.56 -42.82 -1.94
N GLU B 48 0.65 -42.75 -2.92
CA GLU B 48 0.42 -41.55 -3.78
C GLU B 48 -0.91 -40.86 -3.43
N LYS B 49 -1.67 -41.41 -2.47
CA LYS B 49 -2.97 -40.86 -2.00
C LYS B 49 -2.75 -39.84 -0.86
N VAL B 50 -1.49 -39.55 -0.53
CA VAL B 50 -1.06 -38.91 0.75
C VAL B 50 -1.44 -37.42 0.73
N GLU B 51 -2.10 -36.95 1.79
CA GLU B 51 -2.35 -35.51 2.09
C GLU B 51 -1.48 -35.12 3.29
N HIS B 52 -1.37 -33.82 3.58
CA HIS B 52 -0.61 -33.29 4.75
C HIS B 52 -1.25 -32.01 5.27
N SER B 53 -1.23 -31.82 6.60
CA SER B 53 -1.68 -30.61 7.33
C SER B 53 -0.81 -29.42 6.92
N ASP B 54 -1.34 -28.20 7.03
CA ASP B 54 -0.62 -26.94 6.69
C ASP B 54 0.52 -26.72 7.69
N LEU B 55 1.58 -26.04 7.26
CA LEU B 55 2.78 -25.76 8.07
C LEU B 55 2.40 -24.84 9.24
N SER B 56 2.58 -25.33 10.47
CA SER B 56 2.45 -24.56 11.74
C SER B 56 3.69 -24.81 12.59
N PHE B 57 3.74 -24.29 13.82
CA PHE B 57 4.88 -24.45 14.75
C PHE B 57 4.45 -24.23 16.20
N SER B 58 5.32 -24.65 17.14
CA SER B 58 5.07 -24.73 18.60
C SER B 58 5.68 -23.53 19.31
N LYS B 59 5.62 -23.51 20.65
CA LYS B 59 6.13 -22.40 21.51
C LYS B 59 7.63 -22.17 21.24
N ASP B 60 8.39 -23.23 20.98
CA ASP B 60 9.87 -23.17 20.78
C ASP B 60 10.20 -22.95 19.29
N TRP B 61 9.21 -22.58 18.47
CA TRP B 61 9.35 -22.22 17.03
C TRP B 61 9.62 -23.46 16.17
N SER B 62 9.60 -24.66 16.73
CA SER B 62 9.86 -25.93 16.03
C SER B 62 8.62 -26.32 15.20
N PHE B 63 8.81 -26.60 13.90
CA PHE B 63 7.71 -26.88 12.94
C PHE B 63 7.12 -28.27 13.22
N TYR B 64 5.84 -28.44 12.91
CA TYR B 64 5.13 -29.75 12.91
C TYR B 64 4.28 -29.87 11.65
N LEU B 65 4.22 -31.09 11.08
CA LEU B 65 3.36 -31.47 9.92
C LEU B 65 2.73 -32.83 10.21
N LEU B 66 1.44 -32.97 9.89
CA LEU B 66 0.72 -34.28 9.89
C LEU B 66 0.56 -34.74 8.44
N TYR B 67 1.30 -35.77 8.03
CA TYR B 67 1.07 -36.52 6.77
C TYR B 67 0.15 -37.71 7.11
N TYR B 68 -0.80 -38.00 6.23
CA TYR B 68 -1.85 -39.05 6.44
C TYR B 68 -2.41 -39.53 5.09
N THR B 69 -2.96 -40.75 5.11
CA THR B 69 -3.71 -41.37 3.99
C THR B 69 -4.70 -42.39 4.57
N GLU B 70 -5.90 -42.47 3.98
CA GLU B 70 -6.89 -43.56 4.23
C GLU B 70 -6.23 -44.89 3.85
N PHE B 71 -6.39 -45.93 4.67
CA PHE B 71 -5.76 -47.25 4.48
C PHE B 71 -6.51 -48.34 5.25
N THR B 72 -6.40 -49.59 4.79
CA THR B 72 -6.97 -50.81 5.41
C THR B 72 -5.82 -51.70 5.88
N PRO B 73 -5.40 -51.61 7.17
CA PRO B 73 -4.30 -52.43 7.66
C PRO B 73 -4.66 -53.92 7.69
N THR B 74 -3.73 -54.78 7.29
CA THR B 74 -3.86 -56.27 7.29
C THR B 74 -2.74 -56.88 8.13
N GLU B 75 -2.73 -58.21 8.25
CA GLU B 75 -1.71 -59.00 8.98
C GLU B 75 -0.37 -58.87 8.24
N LYS B 76 -0.37 -59.11 6.93
CA LYS B 76 0.85 -59.28 6.09
C LYS B 76 1.50 -57.93 5.79
N ASP B 77 0.70 -56.90 5.44
CA ASP B 77 1.18 -55.59 4.94
C ASP B 77 1.92 -54.85 6.05
N GLU B 78 3.00 -54.14 5.69
CA GLU B 78 3.84 -53.32 6.60
C GLU B 78 3.79 -51.86 6.14
N TYR B 79 3.44 -50.94 7.06
CA TYR B 79 3.39 -49.48 6.81
C TYR B 79 4.52 -48.80 7.57
N ALA B 80 5.12 -47.77 6.95
CA ALA B 80 6.23 -46.96 7.52
C ALA B 80 6.09 -45.51 7.06
N CYS B 81 6.89 -44.61 7.65
CA CYS B 81 7.02 -43.19 7.27
C CYS B 81 8.49 -42.87 6.98
N ARG B 82 8.81 -42.50 5.73
CA ARG B 82 10.17 -42.08 5.31
C ARG B 82 10.26 -40.55 5.39
N VAL B 83 11.26 -40.04 6.08
CA VAL B 83 11.47 -38.58 6.37
C VAL B 83 12.92 -38.23 6.05
N ASN B 84 13.14 -37.26 5.16
CA ASN B 84 14.49 -36.71 4.87
C ASN B 84 14.49 -35.22 5.23
N HIS B 85 15.57 -34.77 5.87
CA HIS B 85 15.75 -33.40 6.43
C HIS B 85 17.26 -33.08 6.41
N VAL B 86 17.61 -31.79 6.35
CA VAL B 86 19.04 -31.33 6.30
C VAL B 86 19.80 -31.92 7.50
N THR B 87 19.12 -32.10 8.64
CA THR B 87 19.70 -32.65 9.90
C THR B 87 20.02 -34.14 9.75
N LEU B 88 19.36 -34.84 8.82
CA LEU B 88 19.55 -36.29 8.53
C LEU B 88 20.47 -36.46 7.32
N SER B 89 21.62 -37.14 7.51
CA SER B 89 22.59 -37.49 6.45
C SER B 89 22.04 -38.63 5.58
N GLN B 90 20.97 -39.29 6.04
CA GLN B 90 20.34 -40.47 5.39
C GLN B 90 18.83 -40.43 5.64
N PRO B 91 17.97 -40.60 4.61
CA PRO B 91 16.53 -40.67 4.80
C PRO B 91 16.17 -41.65 5.93
N LYS B 92 15.39 -41.21 6.91
CA LYS B 92 15.02 -42.00 8.12
C LYS B 92 13.63 -42.62 7.92
N ILE B 93 13.52 -43.94 8.12
CA ILE B 93 12.26 -44.74 7.98
C ILE B 93 11.83 -45.22 9.37
N VAL B 94 10.54 -45.11 9.69
CA VAL B 94 9.95 -45.55 10.99
C VAL B 94 8.75 -46.45 10.70
N LYS B 95 8.85 -47.74 11.05
CA LYS B 95 7.79 -48.76 10.88
C LYS B 95 6.60 -48.39 11.79
N TRP B 96 5.37 -48.58 11.29
CA TRP B 96 4.12 -48.44 12.08
C TRP B 96 4.02 -49.61 13.07
N ASP B 97 4.21 -49.33 14.36
CA ASP B 97 3.87 -50.26 15.48
C ASP B 97 2.45 -49.93 15.94
N ARG B 98 1.62 -50.97 16.14
CA ARG B 98 0.21 -50.85 16.59
C ARG B 98 0.16 -50.40 18.06
N ASP B 99 1.25 -50.57 18.81
CA ASP B 99 1.32 -50.37 20.28
C ASP B 99 2.14 -49.12 20.63
N MET B 100 2.40 -48.24 19.65
CA MET B 100 3.10 -46.95 19.84
C MET B 100 2.38 -45.84 19.06
N ARG C 1 -9.54 -13.26 12.40
CA ARG C 1 -9.11 -12.58 11.14
C ARG C 1 -7.70 -12.01 11.34
N LEU C 2 -7.01 -11.71 10.25
CA LEU C 2 -5.60 -11.25 10.26
C LEU C 2 -5.54 -9.75 10.52
N PRO C 3 -4.49 -9.27 11.21
CA PRO C 3 -4.24 -7.83 11.31
C PRO C 3 -3.87 -7.26 9.94
N ALA C 4 -4.29 -6.02 9.67
CA ALA C 4 -4.08 -5.31 8.37
C ALA C 4 -2.59 -5.01 8.19
N LYS C 5 -1.89 -4.62 9.27
CA LYS C 5 -0.46 -4.21 9.26
C LYS C 5 0.41 -5.35 9.79
N ALA C 6 1.54 -5.61 9.11
CA ALA C 6 2.63 -6.48 9.56
C ALA C 6 3.82 -5.60 9.96
N PRO C 7 4.33 -5.70 11.21
CA PRO C 7 5.48 -4.90 11.64
C PRO C 7 6.72 -5.03 10.73
N LEU C 8 7.40 -3.90 10.50
CA LEU C 8 8.64 -3.81 9.68
C LEU C 8 9.84 -3.72 10.62
N GLN D 3 -9.14 2.59 2.40
CA GLN D 3 -9.07 3.94 3.02
C GLN D 3 -9.59 4.98 2.01
N GLU D 4 -10.38 5.94 2.50
CA GLU D 4 -10.89 7.11 1.73
C GLU D 4 -10.54 8.39 2.49
N VAL D 5 -9.90 9.34 1.81
CA VAL D 5 -9.55 10.68 2.38
C VAL D 5 -10.38 11.74 1.64
N THR D 6 -11.16 12.52 2.40
CA THR D 6 -12.05 13.60 1.91
C THR D 6 -11.51 14.94 2.40
N GLN D 7 -11.45 15.94 1.51
CA GLN D 7 -11.01 17.33 1.83
C GLN D 7 -12.18 18.29 1.57
N ILE D 8 -12.61 18.99 2.64
CA ILE D 8 -13.81 19.87 2.67
C ILE D 8 -13.37 21.31 2.95
N PRO D 9 -13.69 22.31 2.11
CA PRO D 9 -14.37 22.10 0.83
C PRO D 9 -13.39 21.68 -0.28
N ALA D 10 -13.86 21.64 -1.53
CA ALA D 10 -13.07 21.27 -2.73
C ALA D 10 -12.39 22.51 -3.30
N ALA D 11 -13.09 23.65 -3.30
CA ALA D 11 -12.57 24.98 -3.71
C ALA D 11 -12.88 26.00 -2.62
N LEU D 12 -11.94 26.92 -2.37
CA LEU D 12 -12.09 28.00 -1.36
C LEU D 12 -11.50 29.29 -1.92
N SER D 13 -12.25 30.39 -1.83
CA SER D 13 -11.86 31.75 -2.28
C SER D 13 -12.04 32.73 -1.12
N VAL D 14 -10.93 33.27 -0.59
CA VAL D 14 -10.92 34.20 0.57
C VAL D 14 -10.08 35.42 0.24
N PRO D 15 -10.49 36.64 0.68
CA PRO D 15 -9.65 37.84 0.55
C PRO D 15 -8.31 37.69 1.29
N GLU D 16 -7.26 38.35 0.77
CA GLU D 16 -5.90 38.30 1.36
C GLU D 16 -5.92 38.96 2.74
N GLY D 17 -5.11 38.45 3.68
CA GLY D 17 -5.03 38.95 5.06
C GLY D 17 -5.93 38.18 6.02
N GLU D 18 -6.88 37.40 5.49
CA GLU D 18 -7.86 36.61 6.29
C GLU D 18 -7.26 35.23 6.64
N ASN D 19 -7.64 34.69 7.80
CA ASN D 19 -7.34 33.29 8.21
C ASN D 19 -8.30 32.35 7.47
N LEU D 20 -7.90 31.10 7.27
CA LEU D 20 -8.72 30.06 6.58
C LEU D 20 -8.26 28.67 7.03
N VAL D 21 -9.20 27.72 7.12
CA VAL D 21 -8.93 26.28 7.42
C VAL D 21 -9.15 25.47 6.14
N LEU D 22 -8.15 24.66 5.78
CA LEU D 22 -8.31 23.49 4.87
C LEU D 22 -8.50 22.25 5.74
N ASN D 23 -9.53 21.46 5.45
CA ASN D 23 -9.90 20.24 6.23
C ASN D 23 -9.49 18.99 5.44
N CYS D 24 -9.44 17.86 6.14
CA CYS D 24 -9.10 16.52 5.61
C CYS D 24 -9.49 15.47 6.65
N SER D 25 -10.40 14.56 6.30
CA SER D 25 -10.84 13.44 7.17
C SER D 25 -10.56 12.11 6.45
N PHE D 26 -10.34 11.05 7.21
CA PHE D 26 -10.01 9.68 6.72
C PHE D 26 -10.82 8.65 7.50
N THR D 27 -11.29 7.62 6.80
CA THR D 27 -12.19 6.55 7.32
C THR D 27 -11.43 5.71 8.36
N ASP D 28 -10.23 5.23 8.00
CA ASP D 28 -9.38 4.35 8.84
C ASP D 28 -8.46 5.23 9.70
N SER D 29 -8.57 5.13 11.03
CA SER D 29 -7.76 5.90 12.01
C SER D 29 -6.35 5.29 12.14
N ALA D 30 -6.22 3.98 11.91
CA ALA D 30 -4.95 3.23 12.04
C ALA D 30 -3.98 3.65 10.92
N ILE D 31 -3.41 4.86 11.05
CA ILE D 31 -2.43 5.44 10.11
C ILE D 31 -1.11 5.66 10.86
N TYR D 32 0.01 5.73 10.12
CA TYR D 32 1.37 5.99 10.64
C TYR D 32 1.70 7.48 10.52
N ASN D 33 1.46 8.03 9.33
CA ASN D 33 1.82 9.42 8.95
C ASN D 33 0.64 10.06 8.20
N LEU D 34 0.38 11.34 8.45
CA LEU D 34 -0.45 12.21 7.60
C LEU D 34 0.45 13.30 7.02
N GLN D 35 0.28 13.63 5.74
CA GLN D 35 1.14 14.60 5.00
C GLN D 35 0.26 15.57 4.21
N TRP D 36 0.54 16.87 4.35
CA TRP D 36 -0.05 17.96 3.52
C TRP D 36 0.95 18.34 2.43
N PHE D 37 0.45 18.59 1.20
CA PHE D 37 1.26 18.91 0.00
C PHE D 37 0.74 20.17 -0.68
N ARG D 38 1.60 20.84 -1.45
CA ARG D 38 1.25 21.98 -2.33
C ARG D 38 1.52 21.59 -3.79
N GLN D 39 0.59 21.93 -4.69
CA GLN D 39 0.74 21.77 -6.16
C GLN D 39 0.43 23.10 -6.84
N ASP D 40 1.40 23.65 -7.58
CA ASP D 40 1.22 24.81 -8.49
C ASP D 40 0.83 24.27 -9.86
N PRO D 41 -0.05 24.95 -10.62
CA PRO D 41 -0.48 24.48 -11.94
C PRO D 41 0.65 23.95 -12.82
N GLY D 42 0.49 22.75 -13.36
CA GLY D 42 1.43 22.09 -14.30
C GLY D 42 2.73 21.65 -13.65
N LYS D 43 2.84 21.80 -12.32
CA LYS D 43 4.02 21.39 -11.51
C LYS D 43 3.68 20.12 -10.73
N GLY D 44 4.67 19.55 -10.05
CA GLY D 44 4.52 18.39 -9.14
C GLY D 44 4.08 18.84 -7.76
N LEU D 45 4.13 17.91 -6.79
CA LEU D 45 3.77 18.16 -5.37
C LEU D 45 5.06 18.37 -4.56
N THR D 46 5.05 19.36 -3.67
CA THR D 46 6.09 19.61 -2.64
C THR D 46 5.46 19.41 -1.25
N SER D 47 5.99 18.49 -0.46
CA SER D 47 5.56 18.23 0.94
C SER D 47 5.66 19.54 1.75
N LEU D 48 4.59 19.90 2.45
CA LEU D 48 4.53 21.10 3.33
C LEU D 48 4.79 20.67 4.78
N LEU D 49 4.03 19.68 5.27
CA LEU D 49 4.06 19.23 6.69
C LEU D 49 3.84 17.71 6.76
N LEU D 50 4.51 17.06 7.72
CA LEU D 50 4.41 15.61 8.01
C LEU D 50 4.13 15.43 9.50
N ILE D 51 2.96 14.89 9.85
CA ILE D 51 2.54 14.60 11.26
C ILE D 51 2.55 13.08 11.48
N GLN D 52 3.36 12.61 12.43
CA GLN D 52 3.41 11.18 12.86
C GLN D 52 2.15 10.87 13.67
N SER D 53 1.76 9.59 13.70
CA SER D 53 0.62 9.04 14.49
C SER D 53 0.70 9.51 15.95
N SER D 54 1.91 9.56 16.50
CA SER D 54 2.21 9.95 17.90
C SER D 54 2.10 11.47 18.07
N GLN D 55 2.53 12.24 17.06
CA GLN D 55 2.51 13.73 17.07
C GLN D 55 1.05 14.23 17.02
N ARG D 56 0.85 15.49 17.39
CA ARG D 56 -0.48 16.16 17.50
C ARG D 56 -0.46 17.46 16.68
N GLU D 57 0.60 18.26 16.80
CA GLU D 57 0.81 19.53 16.04
C GLU D 57 2.05 19.39 15.13
N GLN D 58 2.07 20.17 14.04
CA GLN D 58 3.27 20.49 13.23
C GLN D 58 3.09 21.89 12.63
N THR D 59 3.97 22.83 12.98
CA THR D 59 3.87 24.27 12.63
C THR D 59 5.05 24.65 11.72
N SER D 60 4.77 25.33 10.61
CA SER D 60 5.76 25.85 9.62
C SER D 60 5.37 27.27 9.20
N GLY D 61 5.82 28.28 9.93
CA GLY D 61 5.52 29.70 9.67
C GLY D 61 4.04 29.98 9.86
N ARG D 62 3.34 30.37 8.78
CA ARG D 62 1.90 30.76 8.79
C ARG D 62 1.02 29.52 8.63
N LEU D 63 1.63 28.33 8.52
CA LEU D 63 0.93 27.03 8.40
C LEU D 63 1.01 26.30 9.74
N ASN D 64 -0.13 25.87 10.28
CA ASN D 64 -0.24 24.96 11.44
C ASN D 64 -1.22 23.83 11.06
N ALA D 65 -0.71 22.61 10.93
CA ALA D 65 -1.51 21.37 10.73
C ALA D 65 -1.68 20.68 12.08
N SER D 66 -2.88 20.16 12.35
CA SER D 66 -3.24 19.41 13.59
C SER D 66 -3.76 18.02 13.19
N LEU D 67 -3.58 17.03 14.07
CA LEU D 67 -3.99 15.61 13.82
C LEU D 67 -4.76 15.09 15.04
N ASP D 68 -6.00 14.66 14.82
CA ASP D 68 -6.85 13.95 15.82
C ASP D 68 -7.13 12.54 15.28
N LYS D 69 -6.27 11.58 15.62
CA LYS D 69 -6.36 10.16 15.18
C LYS D 69 -7.77 9.62 15.48
N SER D 70 -8.26 9.84 16.69
CA SER D 70 -9.62 9.41 17.15
C SER D 70 -10.67 9.91 16.16
N SER D 71 -10.85 11.24 16.04
CA SER D 71 -11.81 11.91 15.14
C SER D 71 -11.59 11.46 13.69
N GLY D 72 -10.34 11.17 13.32
CA GLY D 72 -9.95 10.78 11.96
C GLY D 72 -9.97 11.99 11.03
N ARG D 73 -9.41 13.11 11.48
CA ARG D 73 -9.31 14.36 10.69
C ARG D 73 -8.00 15.08 11.01
N SER D 74 -7.51 15.86 10.04
CA SER D 74 -6.44 16.87 10.19
C SER D 74 -6.95 18.22 9.69
N THR D 75 -6.57 19.29 10.37
CA THR D 75 -6.93 20.69 10.05
C THR D 75 -5.63 21.46 9.74
N LEU D 76 -5.51 22.03 8.55
CA LEU D 76 -4.39 22.93 8.17
C LEU D 76 -4.88 24.39 8.26
N TYR D 77 -4.39 25.12 9.25
CA TYR D 77 -4.69 26.56 9.49
C TYR D 77 -3.66 27.42 8.75
N ILE D 78 -4.13 28.28 7.83
CA ILE D 78 -3.27 29.27 7.11
C ILE D 78 -3.55 30.66 7.70
N ALA D 79 -2.66 31.14 8.58
CA ALA D 79 -2.77 32.43 9.29
C ALA D 79 -2.44 33.57 8.32
N ALA D 80 -3.25 34.65 8.35
CA ALA D 80 -3.08 35.90 7.57
C ALA D 80 -2.66 35.57 6.13
N SER D 81 -3.60 35.04 5.34
CA SER D 81 -3.38 34.54 3.95
C SER D 81 -2.77 35.64 3.08
N GLN D 82 -1.96 35.25 2.09
CA GLN D 82 -1.35 36.15 1.07
C GLN D 82 -1.66 35.60 -0.32
N PRO D 83 -1.64 36.45 -1.37
CA PRO D 83 -1.83 35.98 -2.75
C PRO D 83 -0.94 34.80 -3.15
N GLY D 84 0.30 34.76 -2.66
CA GLY D 84 1.30 33.71 -2.95
C GLY D 84 0.88 32.33 -2.48
N ASP D 85 -0.20 32.24 -1.68
CA ASP D 85 -0.76 30.96 -1.16
C ASP D 85 -1.70 30.33 -2.19
N SER D 86 -2.23 31.12 -3.13
CA SER D 86 -3.14 30.66 -4.22
C SER D 86 -2.51 29.45 -4.92
N ALA D 87 -3.06 28.25 -4.67
CA ALA D 87 -2.55 26.96 -5.15
C ALA D 87 -3.55 25.85 -4.82
N THR D 88 -3.22 24.59 -5.16
CA THR D 88 -3.99 23.37 -4.79
C THR D 88 -3.25 22.67 -3.64
N TYR D 89 -3.99 22.32 -2.58
CA TYR D 89 -3.47 21.67 -1.36
C TYR D 89 -4.09 20.27 -1.24
N LEU D 90 -3.25 19.24 -1.13
CA LEU D 90 -3.68 17.81 -1.07
C LEU D 90 -3.33 17.21 0.28
N CYS D 91 -4.14 16.26 0.75
CA CYS D 91 -3.99 15.52 2.02
C CYS D 91 -3.79 14.03 1.71
N ALA D 92 -2.94 13.35 2.49
CA ALA D 92 -2.56 11.94 2.26
C ALA D 92 -2.26 11.25 3.59
N VAL D 93 -2.76 10.01 3.76
CA VAL D 93 -2.46 9.12 4.92
C VAL D 93 -1.92 7.79 4.39
N THR D 94 -1.18 7.06 5.24
CA THR D 94 -0.68 5.68 4.97
C THR D 94 -1.88 4.74 4.85
N ASN D 95 -1.94 3.96 3.76
CA ASN D 95 -3.07 3.04 3.46
C ASN D 95 -3.13 1.94 4.51
N GLN D 96 -4.16 1.09 4.42
CA GLN D 96 -4.37 -0.12 5.27
C GLN D 96 -3.06 -0.91 5.40
N ALA D 97 -2.41 -1.24 4.28
CA ALA D 97 -1.19 -2.07 4.21
C ALA D 97 -0.03 -1.33 4.89
N GLY D 98 0.01 0.00 4.78
CA GLY D 98 1.07 0.87 5.31
C GLY D 98 2.30 0.84 4.42
N THR D 99 2.08 0.82 3.11
CA THR D 99 3.12 0.59 2.06
C THR D 99 3.17 1.73 1.04
N ALA D 100 2.16 2.61 1.02
CA ALA D 100 2.09 3.79 0.13
C ALA D 100 1.02 4.76 0.63
N LEU D 101 1.06 6.01 0.18
CA LEU D 101 0.14 7.10 0.60
C LEU D 101 -1.10 7.08 -0.31
N ILE D 102 -2.28 7.26 0.30
CA ILE D 102 -3.59 7.43 -0.41
C ILE D 102 -4.01 8.89 -0.23
N PHE D 103 -4.40 9.55 -1.33
CA PHE D 103 -4.58 11.02 -1.44
C PHE D 103 -6.07 11.39 -1.58
N GLY D 104 -6.43 12.57 -1.06
CA GLY D 104 -7.72 13.24 -1.29
C GLY D 104 -7.71 14.05 -2.57
N LYS D 105 -8.88 14.46 -3.06
CA LYS D 105 -9.05 15.26 -4.30
C LYS D 105 -8.24 16.56 -4.19
N GLY D 106 -8.14 17.11 -2.98
CA GLY D 106 -7.41 18.36 -2.69
C GLY D 106 -8.33 19.57 -2.74
N THR D 107 -7.97 20.63 -2.01
CA THR D 107 -8.73 21.91 -1.93
C THR D 107 -8.03 22.97 -2.79
N THR D 108 -8.69 23.42 -3.86
CA THR D 108 -8.19 24.45 -4.80
C THR D 108 -8.38 25.83 -4.18
N LEU D 109 -7.32 26.42 -3.61
CA LEU D 109 -7.38 27.71 -2.88
C LEU D 109 -7.04 28.88 -3.82
N SER D 110 -7.83 29.95 -3.74
CA SER D 110 -7.62 31.23 -4.47
C SER D 110 -7.67 32.40 -3.48
N VAL D 111 -6.51 32.94 -3.11
CA VAL D 111 -6.38 34.15 -2.24
C VAL D 111 -6.40 35.38 -3.15
N SER D 112 -7.54 36.05 -3.24
CA SER D 112 -7.75 37.26 -4.08
C SER D 112 -6.96 38.43 -3.51
N SER D 113 -6.23 39.15 -4.38
CA SER D 113 -5.42 40.35 -4.04
C SER D 113 -6.37 41.53 -3.80
N ASN D 114 -6.07 42.35 -2.78
CA ASN D 114 -6.86 43.56 -2.43
C ASN D 114 -6.47 44.70 -3.39
N ILE D 115 -7.34 44.97 -4.38
CA ILE D 115 -7.17 46.09 -5.36
C ILE D 115 -7.44 47.41 -4.63
N GLN D 116 -6.37 48.14 -4.30
CA GLN D 116 -6.37 49.42 -3.54
C GLN D 116 -7.46 50.35 -4.08
N ASN D 117 -7.34 50.73 -5.36
CA ASN D 117 -8.21 51.75 -6.02
C ASN D 117 -8.70 51.18 -7.36
N PRO D 118 -9.83 50.43 -7.37
CA PRO D 118 -10.39 49.90 -8.62
C PRO D 118 -10.75 51.01 -9.61
N ASP D 119 -10.49 50.78 -10.91
CA ASP D 119 -10.81 51.71 -12.02
C ASP D 119 -11.28 50.89 -13.23
N PRO D 120 -12.43 50.19 -13.13
CA PRO D 120 -12.89 49.30 -14.20
C PRO D 120 -12.94 50.00 -15.57
N ALA D 121 -12.18 49.49 -16.55
CA ALA D 121 -12.04 50.06 -17.91
C ALA D 121 -11.89 48.93 -18.94
N VAL D 122 -12.57 49.08 -20.09
CA VAL D 122 -12.46 48.19 -21.28
C VAL D 122 -11.70 48.95 -22.37
N TYR D 123 -10.62 48.37 -22.90
CA TYR D 123 -9.75 48.95 -23.96
C TYR D 123 -9.71 48.00 -25.17
N GLN D 124 -9.48 48.56 -26.36
CA GLN D 124 -9.32 47.80 -27.64
C GLN D 124 -7.85 47.82 -28.06
N LEU D 125 -7.33 46.66 -28.50
CA LEU D 125 -5.91 46.46 -28.90
C LEU D 125 -5.84 45.88 -30.32
N ARG D 126 -5.12 46.56 -31.22
CA ARG D 126 -4.87 46.10 -32.62
C ARG D 126 -3.65 45.18 -32.63
N ASP D 127 -3.59 44.26 -33.61
CA ASP D 127 -2.49 43.27 -33.79
C ASP D 127 -1.22 44.02 -34.22
N SER D 128 -0.06 43.56 -33.75
CA SER D 128 1.28 44.12 -34.06
C SER D 128 1.62 43.86 -35.54
N LYS D 129 1.07 42.81 -36.14
CA LYS D 129 1.27 42.43 -37.57
C LYS D 129 0.08 42.91 -38.41
N SER D 130 -0.40 44.13 -38.16
CA SER D 130 -1.55 44.76 -38.88
C SER D 130 -2.76 43.80 -38.85
N SER D 131 -3.15 43.24 -39.99
CA SER D 131 -4.12 42.12 -40.14
C SER D 131 -5.57 42.58 -39.94
N ASP D 132 -5.80 43.79 -39.41
CA ASP D 132 -7.14 44.27 -38.97
C ASP D 132 -7.67 43.31 -37.90
N LYS D 133 -6.79 42.86 -37.00
CA LYS D 133 -7.09 41.91 -35.89
C LYS D 133 -7.20 42.70 -34.58
N SER D 134 -8.39 42.73 -33.98
CA SER D 134 -8.71 43.49 -32.75
C SER D 134 -9.02 42.55 -31.59
N VAL D 135 -8.61 42.94 -30.38
CA VAL D 135 -8.85 42.20 -29.10
C VAL D 135 -9.30 43.19 -28.03
N CYS D 136 -10.27 42.82 -27.20
CA CYS D 136 -10.80 43.64 -26.07
C CYS D 136 -10.08 43.24 -24.77
N LEU D 137 -9.84 44.22 -23.89
CA LEU D 137 -9.16 44.02 -22.58
C LEU D 137 -9.95 44.73 -21.48
N PHE D 138 -10.59 43.96 -20.61
CA PHE D 138 -11.24 44.42 -19.35
C PHE D 138 -10.20 44.33 -18.22
N THR D 139 -9.86 45.44 -17.58
CA THR D 139 -8.73 45.55 -16.61
C THR D 139 -9.06 46.55 -15.50
N ASP D 140 -8.24 46.54 -14.44
CA ASP D 140 -8.27 47.51 -13.30
C ASP D 140 -9.58 47.39 -12.51
N PHE D 141 -10.32 46.28 -12.66
CA PHE D 141 -11.64 46.06 -11.99
C PHE D 141 -11.41 45.43 -10.62
N ASP D 142 -12.40 45.55 -9.73
CA ASP D 142 -12.35 45.10 -8.31
C ASP D 142 -12.28 43.57 -8.28
N SER D 143 -11.62 43.01 -7.25
CA SER D 143 -11.34 41.56 -7.09
C SER D 143 -12.63 40.76 -6.83
N GLN D 144 -13.69 41.42 -6.34
CA GLN D 144 -14.96 40.76 -5.94
C GLN D 144 -15.79 40.40 -7.18
N THR D 145 -15.66 41.17 -8.27
CA THR D 145 -16.46 41.01 -9.51
C THR D 145 -15.94 39.79 -10.28
N ASN D 146 -16.84 38.89 -10.69
CA ASN D 146 -16.55 37.69 -11.52
C ASN D 146 -16.89 38.00 -12.98
N VAL D 147 -16.00 37.66 -13.91
CA VAL D 147 -16.17 37.92 -15.37
C VAL D 147 -17.21 36.95 -15.93
N SER D 148 -18.36 37.46 -16.38
CA SER D 148 -19.44 36.69 -17.02
C SER D 148 -18.96 36.17 -18.38
N GLN D 149 -19.02 34.85 -18.58
CA GLN D 149 -18.59 34.17 -19.84
C GLN D 149 -19.61 34.49 -20.95
N SER D 150 -19.13 34.63 -22.19
CA SER D 150 -19.95 34.96 -23.39
C SER D 150 -20.78 33.73 -23.79
N LYS D 151 -22.06 33.93 -24.12
CA LYS D 151 -22.97 32.87 -24.63
C LYS D 151 -22.79 32.73 -26.14
N ASP D 152 -22.62 33.86 -26.85
CA ASP D 152 -22.56 33.94 -28.34
C ASP D 152 -21.50 32.96 -28.87
N SER D 153 -21.86 32.17 -29.89
CA SER D 153 -21.00 31.16 -30.55
C SER D 153 -19.90 31.87 -31.37
N ASP D 154 -18.66 31.43 -31.22
CA ASP D 154 -17.45 32.00 -31.89
C ASP D 154 -17.26 33.46 -31.42
N VAL D 155 -17.63 33.75 -30.17
CA VAL D 155 -17.23 34.97 -29.39
C VAL D 155 -16.68 34.45 -28.05
N TYR D 156 -15.43 34.78 -27.74
CA TYR D 156 -14.62 34.16 -26.65
C TYR D 156 -14.31 35.20 -25.57
N ILE D 157 -14.53 34.83 -24.30
CA ILE D 157 -14.18 35.64 -23.09
C ILE D 157 -13.43 34.72 -22.11
N THR D 158 -12.29 35.20 -21.61
CA THR D 158 -11.42 34.46 -20.64
C THR D 158 -11.92 34.71 -19.22
N ASP D 159 -11.50 33.86 -18.28
CA ASP D 159 -11.62 34.12 -16.82
C ASP D 159 -10.47 35.06 -16.43
N LYS D 160 -10.61 35.76 -15.30
CA LYS D 160 -9.69 36.84 -14.86
C LYS D 160 -8.40 36.22 -14.30
N CYS D 161 -7.28 36.96 -14.40
CA CYS D 161 -6.01 36.71 -13.67
C CYS D 161 -5.43 38.04 -13.18
N VAL D 162 -4.78 38.00 -12.00
CA VAL D 162 -4.10 39.17 -11.37
C VAL D 162 -2.61 39.11 -11.75
N LEU D 163 -2.05 40.23 -12.21
CA LEU D 163 -0.59 40.37 -12.46
C LEU D 163 0.00 41.40 -11.49
N ASP D 164 1.24 41.20 -11.07
CA ASP D 164 1.97 42.03 -10.08
C ASP D 164 3.04 42.85 -10.80
N MET D 165 2.94 44.18 -10.72
CA MET D 165 3.99 45.14 -11.17
C MET D 165 4.79 45.61 -9.94
N ARG D 166 5.62 44.71 -9.39
CA ARG D 166 6.48 44.96 -8.19
C ARG D 166 7.27 46.26 -8.39
N SER D 167 7.75 46.50 -9.62
CA SER D 167 8.50 47.70 -10.06
C SER D 167 7.80 48.99 -9.62
N MET D 168 6.46 49.00 -9.64
CA MET D 168 5.61 50.18 -9.28
C MET D 168 4.72 49.87 -8.07
N ASP D 169 4.93 48.71 -7.41
CA ASP D 169 4.13 48.23 -6.26
C ASP D 169 2.63 48.33 -6.61
N PHE D 170 2.22 47.64 -7.68
CA PHE D 170 0.86 47.72 -8.26
C PHE D 170 0.40 46.32 -8.72
N LYS D 171 -0.77 45.89 -8.22
CA LYS D 171 -1.50 44.68 -8.67
C LYS D 171 -2.74 45.13 -9.45
N SER D 172 -3.07 44.44 -10.55
CA SER D 172 -4.24 44.74 -11.41
C SER D 172 -4.84 43.45 -11.96
N ASN D 173 -6.15 43.28 -11.82
CA ASN D 173 -6.94 42.18 -12.46
C ASN D 173 -6.99 42.44 -13.97
N SER D 174 -7.39 41.44 -14.75
CA SER D 174 -7.35 41.47 -16.24
C SER D 174 -8.13 40.29 -16.82
N ALA D 175 -8.90 40.53 -17.89
CA ALA D 175 -9.61 39.51 -18.69
C ALA D 175 -9.67 39.96 -20.15
N VAL D 176 -9.72 39.01 -21.09
CA VAL D 176 -9.62 39.26 -22.55
C VAL D 176 -10.87 38.71 -23.26
N ALA D 177 -11.23 39.31 -24.40
CA ALA D 177 -12.34 38.89 -25.28
C ALA D 177 -12.02 39.22 -26.74
N TRP D 178 -12.49 38.39 -27.68
CA TRP D 178 -12.23 38.56 -29.14
C TRP D 178 -13.21 37.70 -29.96
N SER D 179 -13.22 37.93 -31.29
CA SER D 179 -14.04 37.20 -32.29
C SER D 179 -13.51 37.49 -33.71
N ASN D 180 -14.07 36.82 -34.72
CA ASN D 180 -13.74 37.01 -36.16
C ASN D 180 -14.88 37.77 -36.86
N LYS D 181 -15.93 38.16 -36.12
CA LYS D 181 -17.10 38.89 -36.65
C LYS D 181 -16.72 40.36 -36.90
N SER D 182 -17.60 41.11 -37.57
CA SER D 182 -17.44 42.55 -37.91
C SER D 182 -18.27 43.41 -36.95
N ASP D 183 -19.40 42.90 -36.45
CA ASP D 183 -20.32 43.60 -35.52
C ASP D 183 -19.94 43.26 -34.08
N PHE D 184 -18.66 43.45 -33.72
CA PHE D 184 -18.09 43.13 -32.38
C PHE D 184 -17.38 44.39 -31.83
N ALA D 185 -18.08 45.11 -30.94
CA ALA D 185 -17.55 46.29 -30.20
C ALA D 185 -17.17 45.86 -28.78
N CYS D 186 -16.11 46.44 -28.22
CA CYS D 186 -15.57 46.14 -26.87
C CYS D 186 -16.46 46.79 -25.80
N ALA D 187 -16.83 48.06 -26.00
CA ALA D 187 -17.88 48.76 -25.22
C ALA D 187 -19.12 47.87 -25.19
N ASN D 188 -19.54 47.44 -23.98
CA ASN D 188 -20.59 46.42 -23.73
C ASN D 188 -20.24 45.10 -24.44
N ALA D 189 -19.08 44.52 -24.12
CA ALA D 189 -18.68 43.13 -24.44
C ALA D 189 -18.66 42.29 -23.16
N PHE D 190 -18.46 42.93 -21.99
CA PHE D 190 -18.37 42.27 -20.65
C PHE D 190 -19.61 42.62 -19.82
N ASN D 191 -20.74 41.99 -20.15
CA ASN D 191 -22.07 42.23 -19.52
C ASN D 191 -22.47 40.99 -18.69
N ASN E 1 22.61 16.33 -6.50
CA ASN E 1 21.29 15.65 -6.26
C ASN E 1 20.21 16.37 -7.07
N ALA E 2 19.24 15.60 -7.62
CA ALA E 2 18.20 16.08 -8.56
C ALA E 2 16.79 15.80 -8.04
N GLY E 3 16.65 15.14 -6.88
CA GLY E 3 15.36 14.66 -6.36
C GLY E 3 14.80 13.52 -7.20
N VAL E 4 13.55 13.66 -7.66
CA VAL E 4 12.86 12.68 -8.56
C VAL E 4 12.76 13.29 -9.96
N THR E 5 13.33 12.62 -10.97
CA THR E 5 13.31 13.06 -12.40
C THR E 5 12.35 12.16 -13.18
N GLN E 6 11.51 12.77 -14.03
CA GLN E 6 10.54 12.09 -14.93
C GLN E 6 10.79 12.52 -16.37
N THR E 7 10.71 11.58 -17.32
CA THR E 7 10.75 11.85 -18.79
C THR E 7 9.76 10.92 -19.49
N PRO E 8 9.00 11.39 -20.51
CA PRO E 8 9.03 12.79 -20.95
C PRO E 8 8.15 13.66 -20.05
N LYS E 9 8.02 14.96 -20.37
CA LYS E 9 7.10 15.90 -19.69
C LYS E 9 5.75 15.91 -20.40
N PHE E 10 5.77 15.91 -21.74
CA PHE E 10 4.57 15.81 -22.62
C PHE E 10 4.81 14.70 -23.64
N GLN E 11 3.76 13.92 -23.94
CA GLN E 11 3.79 12.83 -24.97
C GLN E 11 2.39 12.63 -25.54
N VAL E 12 2.30 12.51 -26.87
CA VAL E 12 1.05 12.19 -27.62
C VAL E 12 1.18 10.76 -28.15
N LEU E 13 0.14 9.94 -27.95
CA LEU E 13 0.09 8.53 -28.40
C LEU E 13 -1.17 8.31 -29.24
N LYS E 14 -1.07 7.42 -30.24
CA LYS E 14 -2.22 6.83 -30.97
C LYS E 14 -2.69 5.60 -30.18
N THR E 15 -4.00 5.36 -30.11
CA THR E 15 -4.61 4.18 -29.46
C THR E 15 -3.86 2.92 -29.95
N GLY E 16 -3.39 2.07 -29.03
CA GLY E 16 -2.74 0.79 -29.35
C GLY E 16 -1.23 0.85 -29.22
N GLN E 17 -0.63 2.02 -29.44
CA GLN E 17 0.82 2.27 -29.24
C GLN E 17 1.19 1.97 -27.77
N SER E 18 2.40 1.46 -27.54
CA SER E 18 2.99 1.21 -26.20
C SER E 18 4.12 2.21 -25.96
N MET E 19 4.40 2.53 -24.69
CA MET E 19 5.58 3.37 -24.31
C MET E 19 5.88 3.22 -22.81
N THR E 20 7.14 3.51 -22.44
CA THR E 20 7.66 3.51 -21.06
C THR E 20 7.83 4.94 -20.57
N LEU E 21 7.09 5.34 -19.53
CA LEU E 21 7.30 6.60 -18.78
C LEU E 21 8.48 6.38 -17.81
N GLN E 22 9.59 7.08 -18.03
CA GLN E 22 10.84 6.92 -17.23
C GLN E 22 10.69 7.70 -15.93
N CYS E 23 11.09 7.09 -14.81
CA CYS E 23 11.23 7.74 -13.47
C CYS E 23 12.47 7.18 -12.75
N SER E 24 13.24 8.07 -12.12
CA SER E 24 14.43 7.71 -11.30
C SER E 24 14.59 8.70 -10.15
N GLN E 25 15.19 8.23 -9.04
CA GLN E 25 15.59 9.04 -7.87
C GLN E 25 16.99 8.61 -7.43
N ASP E 26 17.82 9.56 -7.00
CA ASP E 26 19.23 9.33 -6.60
C ASP E 26 19.35 9.49 -5.08
N MET E 27 18.26 9.24 -4.34
CA MET E 27 18.14 9.46 -2.88
C MET E 27 18.15 8.13 -2.12
N ASN E 28 18.30 6.99 -2.83
CA ASN E 28 18.38 5.62 -2.27
C ASN E 28 17.09 5.27 -1.53
N HIS E 29 15.95 5.86 -1.92
CA HIS E 29 14.62 5.62 -1.31
C HIS E 29 14.12 4.22 -1.73
N GLU E 30 13.75 3.38 -0.76
CA GLU E 30 13.31 1.98 -0.98
C GLU E 30 11.86 1.97 -1.49
N TYR E 31 11.06 2.97 -1.11
CA TYR E 31 9.63 3.09 -1.47
C TYR E 31 9.47 4.05 -2.65
N MET E 32 8.77 3.60 -3.69
CA MET E 32 8.46 4.40 -4.91
C MET E 32 7.03 4.09 -5.35
N SER E 33 6.30 5.11 -5.82
CA SER E 33 4.87 5.05 -6.18
C SER E 33 4.65 5.73 -7.55
N TRP E 34 3.64 5.26 -8.30
CA TRP E 34 3.13 5.89 -9.55
C TRP E 34 1.66 6.26 -9.35
N TYR E 35 1.31 7.53 -9.59
CA TYR E 35 -0.07 8.07 -9.50
C TYR E 35 -0.49 8.65 -10.86
N ARG E 36 -1.80 8.73 -11.11
CA ARG E 36 -2.41 9.50 -12.22
C ARG E 36 -3.33 10.56 -11.63
N GLN E 37 -3.40 11.73 -12.27
CA GLN E 37 -4.21 12.90 -11.82
C GLN E 37 -5.08 13.39 -12.98
N ASP E 38 -6.40 13.32 -12.81
CA ASP E 38 -7.41 13.83 -13.77
C ASP E 38 -8.47 14.61 -12.99
N PRO E 39 -8.98 15.74 -13.55
CA PRO E 39 -9.84 16.66 -12.79
C PRO E 39 -10.90 15.98 -11.91
N GLY E 40 -10.98 16.40 -10.65
CA GLY E 40 -12.02 16.01 -9.67
C GLY E 40 -11.96 14.53 -9.31
N MET E 41 -10.88 13.83 -9.66
CA MET E 41 -10.61 12.42 -9.27
C MET E 41 -9.45 12.36 -8.27
N GLY E 42 -8.54 13.35 -8.33
CA GLY E 42 -7.37 13.46 -7.43
C GLY E 42 -6.24 12.54 -7.86
N LEU E 43 -5.32 12.22 -6.94
CA LEU E 43 -4.16 11.33 -7.19
C LEU E 43 -4.56 9.88 -6.90
N ARG E 44 -4.55 9.03 -7.92
CA ARG E 44 -4.97 7.61 -7.86
C ARG E 44 -3.74 6.72 -8.03
N LEU E 45 -3.35 5.99 -6.97
CA LEU E 45 -2.20 5.07 -6.94
C LEU E 45 -2.39 3.97 -8.00
N ILE E 46 -1.58 4.02 -9.07
CA ILE E 46 -1.54 2.97 -10.14
C ILE E 46 -0.81 1.74 -9.59
N HIS E 47 0.51 1.86 -9.40
CA HIS E 47 1.41 0.79 -8.88
C HIS E 47 2.32 1.40 -7.80
N TYR E 48 2.90 0.55 -6.94
CA TYR E 48 3.83 0.94 -5.85
C TYR E 48 4.86 -0.17 -5.61
N SER E 49 6.04 0.20 -5.09
CA SER E 49 7.17 -0.70 -4.80
C SER E 49 7.70 -0.40 -3.39
N VAL E 50 8.14 -1.42 -2.66
CA VAL E 50 8.70 -1.32 -1.28
C VAL E 50 10.18 -1.75 -1.27
N GLY E 51 10.79 -1.85 -2.47
CA GLY E 51 12.21 -2.21 -2.63
C GLY E 51 12.49 -2.82 -4.00
N ALA E 52 13.76 -3.05 -4.29
CA ALA E 52 14.25 -3.65 -5.57
C ALA E 52 13.63 -5.04 -5.75
N GLY E 53 12.98 -5.27 -6.89
CA GLY E 53 12.39 -6.58 -7.27
C GLY E 53 11.05 -6.84 -6.60
N ILE E 54 10.49 -5.86 -5.89
CA ILE E 54 9.16 -5.97 -5.21
C ILE E 54 8.22 -4.90 -5.79
N THR E 55 7.13 -5.34 -6.41
CA THR E 55 6.11 -4.51 -7.10
C THR E 55 4.72 -4.98 -6.65
N ASP E 56 3.73 -4.10 -6.68
CA ASP E 56 2.30 -4.44 -6.43
C ASP E 56 1.42 -3.36 -7.06
N GLN E 57 0.12 -3.65 -7.20
CA GLN E 57 -0.87 -2.77 -7.87
C GLN E 57 -1.63 -1.98 -6.81
N GLY E 58 -2.20 -0.83 -7.21
CA GLY E 58 -2.93 0.10 -6.32
C GLY E 58 -4.41 0.18 -6.66
N GLU E 59 -4.98 1.39 -6.57
CA GLU E 59 -6.43 1.66 -6.72
C GLU E 59 -6.90 1.29 -8.14
N VAL E 60 -6.14 1.70 -9.15
CA VAL E 60 -6.48 1.54 -10.60
C VAL E 60 -5.21 1.17 -11.36
N PRO E 61 -4.81 -0.13 -11.39
CA PRO E 61 -3.58 -0.56 -12.05
C PRO E 61 -3.72 -1.05 -13.50
N ASN E 62 -4.95 -1.23 -13.98
CA ASN E 62 -5.29 -1.92 -15.25
C ASN E 62 -4.78 -1.10 -16.44
N GLY E 63 -3.97 -1.73 -17.31
CA GLY E 63 -3.42 -1.13 -18.54
C GLY E 63 -1.93 -0.88 -18.46
N TYR E 64 -1.37 -0.82 -17.23
CA TYR E 64 0.05 -0.46 -16.97
C TYR E 64 0.79 -1.63 -16.31
N ASN E 65 2.11 -1.69 -16.55
CA ASN E 65 3.08 -2.59 -15.87
C ASN E 65 4.21 -1.73 -15.27
N VAL E 66 4.92 -2.28 -14.28
CA VAL E 66 6.09 -1.63 -13.62
C VAL E 66 7.16 -2.70 -13.36
N SER E 67 8.42 -2.27 -13.31
CA SER E 67 9.60 -3.08 -12.88
C SER E 67 10.47 -2.23 -11.95
N ARG E 68 10.98 -2.83 -10.88
CA ARG E 68 11.95 -2.21 -9.94
C ARG E 68 13.23 -3.06 -9.95
N SER E 69 13.83 -3.22 -11.14
CA SER E 69 15.11 -3.94 -11.36
C SER E 69 16.20 -3.37 -10.43
N THR E 70 16.24 -2.03 -10.28
CA THR E 70 17.18 -1.29 -9.40
C THR E 70 16.39 -0.41 -8.43
N THR E 71 16.99 -0.11 -7.28
CA THR E 71 16.54 0.88 -6.27
C THR E 71 16.33 2.24 -6.94
N GLU E 72 17.15 2.57 -7.95
CA GLU E 72 17.26 3.92 -8.55
C GLU E 72 16.09 4.18 -9.50
N ASP E 73 15.67 3.18 -10.29
CA ASP E 73 14.71 3.33 -11.42
C ASP E 73 13.38 2.63 -11.10
N PHE E 74 12.27 3.20 -11.56
CA PHE E 74 10.90 2.63 -11.45
C PHE E 74 10.10 2.96 -12.70
N PRO E 75 10.43 2.37 -13.87
CA PRO E 75 9.69 2.61 -15.11
C PRO E 75 8.22 2.14 -15.08
N LEU E 76 7.33 2.90 -15.73
CA LEU E 76 5.89 2.56 -15.93
C LEU E 76 5.65 2.35 -17.43
N ARG E 77 5.13 1.18 -17.79
CA ARG E 77 4.91 0.73 -19.19
C ARG E 77 3.40 0.69 -19.47
N LEU E 78 2.93 1.51 -20.42
CA LEU E 78 1.58 1.39 -21.03
C LEU E 78 1.65 0.34 -22.13
N LEU E 79 0.99 -0.81 -21.94
CA LEU E 79 1.03 -1.97 -22.87
C LEU E 79 0.25 -1.65 -24.14
N SER E 80 -0.96 -1.11 -24.01
CA SER E 80 -1.87 -0.75 -25.13
C SER E 80 -2.63 0.54 -24.77
N ALA E 81 -2.14 1.69 -25.25
CA ALA E 81 -2.65 3.03 -24.93
C ALA E 81 -4.12 3.14 -25.34
N ALA E 82 -4.96 3.69 -24.44
CA ALA E 82 -6.41 3.92 -24.65
C ALA E 82 -6.75 5.37 -24.28
N PRO E 83 -7.79 5.98 -24.90
CA PRO E 83 -8.22 7.34 -24.55
C PRO E 83 -8.41 7.58 -23.04
N SER E 84 -8.95 6.59 -22.32
CA SER E 84 -9.23 6.63 -20.86
C SER E 84 -7.93 6.89 -20.07
N GLN E 85 -6.78 6.49 -20.61
CA GLN E 85 -5.44 6.62 -19.96
C GLN E 85 -4.87 8.03 -20.19
N THR E 86 -5.56 8.89 -20.94
CA THR E 86 -5.25 10.33 -21.04
C THR E 86 -5.36 10.94 -19.63
N SER E 87 -4.23 11.42 -19.09
CA SER E 87 -4.11 11.91 -17.69
C SER E 87 -2.74 12.57 -17.50
N VAL E 88 -2.44 12.97 -16.26
CA VAL E 88 -1.10 13.45 -15.83
C VAL E 88 -0.57 12.45 -14.80
N TYR E 89 0.58 11.84 -15.08
CA TYR E 89 1.18 10.74 -14.27
C TYR E 89 2.36 11.28 -13.46
N PHE E 90 2.35 11.05 -12.15
CA PHE E 90 3.38 11.52 -11.20
C PHE E 90 4.06 10.30 -10.55
N CYS E 91 5.39 10.27 -10.61
CA CYS E 91 6.27 9.32 -9.88
C CYS E 91 6.66 9.95 -8.55
N ALA E 92 6.68 9.17 -7.46
CA ALA E 92 6.97 9.64 -6.08
C ALA E 92 7.81 8.61 -5.34
N SER E 93 8.71 9.07 -4.47
CA SER E 93 9.60 8.23 -3.62
C SER E 93 9.68 8.83 -2.21
N SER E 94 10.05 7.99 -1.23
CA SER E 94 10.29 8.39 0.18
C SER E 94 11.19 7.36 0.87
N TYR E 95 12.02 7.82 1.80
CA TYR E 95 12.95 6.96 2.61
C TYR E 95 12.13 5.95 3.42
N SER E 96 10.96 6.37 3.91
CA SER E 96 10.04 5.57 4.78
C SER E 96 8.59 5.91 4.46
N ILE E 97 7.67 4.98 4.70
CA ILE E 97 6.20 5.19 4.68
C ILE E 97 5.69 5.34 6.13
N ARG E 98 6.23 4.50 7.04
CA ARG E 98 5.75 4.34 8.44
C ARG E 98 6.62 5.13 9.43
N GLY E 99 7.86 5.47 9.04
CA GLY E 99 8.85 6.11 9.92
C GLY E 99 8.67 7.61 9.99
N SER E 100 9.45 8.27 10.86
CA SER E 100 9.44 9.75 11.08
C SER E 100 9.94 10.47 9.82
N ARG E 101 10.83 9.84 9.05
CA ARG E 101 11.48 10.40 7.84
C ARG E 101 10.66 10.02 6.61
N GLY E 102 9.37 10.41 6.59
CA GLY E 102 8.38 9.98 5.58
C GLY E 102 8.05 11.09 4.59
N GLU E 103 8.90 12.11 4.46
CA GLU E 103 8.78 13.16 3.43
C GLU E 103 8.75 12.48 2.05
N GLN E 104 7.64 12.59 1.33
CA GLN E 104 7.48 12.01 -0.03
C GLN E 104 7.75 13.11 -1.07
N PHE E 105 8.61 12.79 -2.06
CA PHE E 105 9.06 13.71 -3.14
C PHE E 105 8.47 13.24 -4.47
N PHE E 106 7.96 14.17 -5.28
CA PHE E 106 7.28 13.89 -6.57
C PHE E 106 8.13 14.42 -7.73
N GLY E 107 7.96 13.81 -8.91
CA GLY E 107 8.58 14.25 -10.17
C GLY E 107 7.83 15.46 -10.74
N PRO E 108 8.36 16.09 -11.81
CA PRO E 108 7.68 17.23 -12.44
C PRO E 108 6.37 16.85 -13.17
N GLY E 109 6.11 15.55 -13.33
CA GLY E 109 4.85 15.01 -13.88
C GLY E 109 4.93 14.84 -15.39
N THR E 110 4.22 13.83 -15.91
CA THR E 110 4.11 13.52 -17.37
C THR E 110 2.65 13.70 -17.81
N ARG E 111 2.39 14.67 -18.68
CA ARG E 111 1.08 14.86 -19.36
C ARG E 111 1.03 13.90 -20.56
N LEU E 112 0.09 12.95 -20.54
CA LEU E 112 -0.12 11.94 -21.61
C LEU E 112 -1.51 12.14 -22.22
N THR E 113 -1.60 12.22 -23.55
CA THR E 113 -2.87 12.30 -24.32
C THR E 113 -2.88 11.19 -25.37
N VAL E 114 -3.87 10.30 -25.31
CA VAL E 114 -4.08 9.18 -26.27
C VAL E 114 -5.25 9.55 -27.19
N LEU E 115 -5.06 9.42 -28.51
CA LEU E 115 -6.03 9.82 -29.56
C LEU E 115 -6.29 8.65 -30.51
N GLU E 116 -7.50 8.57 -31.05
CA GLU E 116 -7.85 7.61 -32.15
C GLU E 116 -7.13 8.07 -33.42
N ASP E 117 -7.22 9.37 -33.71
CA ASP E 117 -6.62 10.03 -34.91
C ASP E 117 -5.64 11.11 -34.46
N LEU E 118 -4.37 10.99 -34.86
CA LEU E 118 -3.33 12.05 -34.71
C LEU E 118 -3.61 13.19 -35.71
N LYS E 119 -4.55 12.99 -36.64
CA LYS E 119 -4.95 13.98 -37.67
C LYS E 119 -5.40 15.28 -36.98
N ASN E 120 -6.07 15.16 -35.83
CA ASN E 120 -6.76 16.27 -35.12
C ASN E 120 -5.75 17.14 -34.35
N VAL E 121 -4.45 16.85 -34.46
CA VAL E 121 -3.33 17.61 -33.80
C VAL E 121 -2.90 18.75 -34.74
N PHE E 122 -3.00 20.00 -34.28
CA PHE E 122 -2.54 21.23 -34.96
C PHE E 122 -1.69 22.05 -33.99
N PRO E 123 -0.66 22.80 -34.47
CA PRO E 123 0.13 23.65 -33.60
C PRO E 123 -0.51 25.02 -33.42
N PRO E 124 -0.13 25.79 -32.37
CA PRO E 124 -0.74 27.10 -32.10
C PRO E 124 -0.28 28.19 -33.09
N GLU E 125 -1.22 29.06 -33.50
CA GLU E 125 -0.94 30.34 -34.19
C GLU E 125 -0.93 31.45 -33.14
N VAL E 126 0.18 32.19 -33.04
CA VAL E 126 0.43 33.21 -31.98
C VAL E 126 0.44 34.61 -32.61
N ALA E 127 -0.18 35.59 -31.94
CA ALA E 127 -0.23 37.01 -32.35
C ALA E 127 -0.16 37.90 -31.10
N VAL E 128 0.68 38.92 -31.13
CA VAL E 128 0.84 39.93 -30.03
C VAL E 128 0.06 41.19 -30.43
N PHE E 129 -0.69 41.76 -29.47
CA PHE E 129 -1.56 42.94 -29.67
C PHE E 129 -0.99 44.13 -28.87
N GLU E 130 -0.81 45.27 -29.55
CA GLU E 130 -0.16 46.49 -29.00
C GLU E 130 -1.15 47.23 -28.10
N PRO E 131 -0.67 47.90 -27.02
CA PRO E 131 -1.55 48.52 -26.04
C PRO E 131 -2.44 49.64 -26.59
N SER E 132 -3.54 49.93 -25.90
CA SER E 132 -4.56 50.95 -26.26
C SER E 132 -4.04 52.35 -25.93
N GLU E 133 -4.16 53.29 -26.87
CA GLU E 133 -3.84 54.73 -26.69
C GLU E 133 -4.52 55.25 -25.40
N ALA E 134 -5.75 54.80 -25.16
CA ALA E 134 -6.60 55.20 -24.00
C ALA E 134 -5.95 54.77 -22.69
N GLU E 135 -5.34 53.58 -22.65
CA GLU E 135 -4.72 52.97 -21.44
C GLU E 135 -3.53 53.83 -21.00
N ILE E 136 -2.57 54.07 -21.91
CA ILE E 136 -1.37 54.92 -21.68
C ILE E 136 -1.83 56.31 -21.19
N SER E 137 -2.88 56.86 -21.81
CA SER E 137 -3.45 58.19 -21.51
C SER E 137 -4.04 58.23 -20.10
N HIS E 138 -4.88 57.24 -19.75
CA HIS E 138 -5.71 57.20 -18.51
C HIS E 138 -4.90 56.72 -17.30
N THR E 139 -3.98 55.77 -17.50
CA THR E 139 -3.28 55.04 -16.41
C THR E 139 -1.76 55.32 -16.41
N GLN E 140 -1.17 55.57 -17.58
CA GLN E 140 0.31 55.67 -17.79
C GLN E 140 0.95 54.28 -17.57
N LYS E 141 0.19 53.22 -17.89
CA LYS E 141 0.66 51.82 -17.94
C LYS E 141 0.21 51.22 -19.28
N ALA E 142 0.97 50.25 -19.80
CA ALA E 142 0.78 49.65 -21.15
C ALA E 142 0.66 48.12 -21.03
N THR E 143 -0.51 47.57 -21.33
CA THR E 143 -0.85 46.12 -21.23
C THR E 143 -0.76 45.48 -22.63
N LEU E 144 0.31 44.73 -22.90
CA LEU E 144 0.44 43.87 -24.11
C LEU E 144 -0.34 42.57 -23.87
N VAL E 145 -0.98 42.02 -24.90
CA VAL E 145 -1.80 40.78 -24.84
C VAL E 145 -1.30 39.80 -25.91
N CYS E 146 -0.91 38.61 -25.48
CA CYS E 146 -0.49 37.46 -26.33
C CYS E 146 -1.69 36.51 -26.50
N LEU E 147 -1.92 36.01 -27.71
CA LEU E 147 -3.08 35.15 -28.06
C LEU E 147 -2.61 33.96 -28.90
N ALA E 148 -2.60 32.77 -28.30
CA ALA E 148 -2.32 31.46 -28.94
C ALA E 148 -3.65 30.77 -29.28
N THR E 149 -3.88 30.44 -30.55
CA THR E 149 -5.19 30.02 -31.10
C THR E 149 -5.03 28.73 -31.92
N GLY E 150 -6.03 27.84 -31.84
CA GLY E 150 -6.21 26.67 -32.74
C GLY E 150 -5.10 25.64 -32.59
N PHE E 151 -4.86 25.16 -31.37
CA PHE E 151 -3.87 24.08 -31.06
C PHE E 151 -4.60 22.92 -30.38
N TYR E 152 -4.05 21.70 -30.50
CA TYR E 152 -4.59 20.46 -29.89
C TYR E 152 -3.49 19.39 -29.86
N PRO E 153 -3.31 18.64 -28.75
CA PRO E 153 -4.08 18.82 -27.51
C PRO E 153 -3.57 19.97 -26.62
N ASP E 154 -4.13 20.10 -25.41
CA ASP E 154 -3.74 21.14 -24.41
C ASP E 154 -2.34 20.82 -23.88
N HIS E 155 -1.31 21.04 -24.71
CA HIS E 155 0.11 20.67 -24.47
C HIS E 155 1.02 21.85 -24.79
N VAL E 156 0.88 22.98 -24.09
CA VAL E 156 1.63 24.24 -24.41
C VAL E 156 2.14 24.92 -23.14
N GLU E 157 3.23 25.68 -23.28
CA GLU E 157 3.84 26.55 -22.23
C GLU E 157 4.09 27.93 -22.83
N LEU E 158 3.31 28.94 -22.41
CA LEU E 158 3.40 30.36 -22.89
C LEU E 158 4.29 31.16 -21.94
N SER E 159 5.26 31.91 -22.48
CA SER E 159 6.16 32.81 -21.71
C SER E 159 6.45 34.09 -22.51
N TRP E 160 6.89 35.15 -21.81
CA TRP E 160 7.21 36.48 -22.36
C TRP E 160 8.73 36.71 -22.33
N TRP E 161 9.28 37.33 -23.38
CA TRP E 161 10.74 37.61 -23.54
C TRP E 161 10.97 39.08 -23.88
N VAL E 162 11.30 39.90 -22.87
CA VAL E 162 11.63 41.34 -23.03
C VAL E 162 13.15 41.47 -23.20
N ASN E 163 13.59 41.98 -24.36
CA ASN E 163 15.01 42.14 -24.76
C ASN E 163 15.72 40.77 -24.65
N GLY E 164 15.05 39.70 -25.07
CA GLY E 164 15.62 38.34 -25.18
C GLY E 164 15.81 37.66 -23.84
N LYS E 165 15.14 38.12 -22.78
CA LYS E 165 15.19 37.51 -21.42
C LYS E 165 13.76 37.27 -20.92
N GLU E 166 13.53 36.11 -20.30
CA GLU E 166 12.19 35.65 -19.81
C GLU E 166 11.79 36.51 -18.61
N VAL E 167 10.68 37.24 -18.70
CA VAL E 167 10.09 38.01 -17.56
C VAL E 167 9.20 37.05 -16.76
N HIS E 168 9.27 37.14 -15.42
CA HIS E 168 8.44 36.37 -14.46
C HIS E 168 7.51 37.32 -13.69
N SER E 169 7.53 38.62 -14.02
CA SER E 169 6.81 39.70 -13.29
C SER E 169 6.12 40.64 -14.30
N GLY E 170 4.92 41.13 -13.94
CA GLY E 170 4.06 41.95 -14.80
C GLY E 170 3.25 41.11 -15.77
N VAL E 171 3.10 39.81 -15.48
CA VAL E 171 2.43 38.81 -16.37
C VAL E 171 1.38 38.04 -15.57
N CYS E 172 0.33 37.58 -16.26
CA CYS E 172 -0.54 36.44 -15.83
C CYS E 172 -1.14 35.77 -17.09
N THR E 173 -0.83 34.50 -17.29
CA THR E 173 -1.47 33.61 -18.30
C THR E 173 -2.73 33.03 -17.66
N ASP E 174 -3.80 32.86 -18.45
CA ASP E 174 -5.09 32.27 -17.98
C ASP E 174 -4.79 30.92 -17.33
N PRO E 175 -5.46 30.58 -16.20
CA PRO E 175 -5.23 29.30 -15.54
C PRO E 175 -5.69 28.12 -16.40
N GLN E 176 -6.70 28.33 -17.26
CA GLN E 176 -7.29 27.31 -18.15
C GLN E 176 -7.14 27.72 -19.61
N PRO E 177 -6.99 26.74 -20.54
CA PRO E 177 -7.23 26.99 -21.97
C PRO E 177 -8.72 27.21 -22.25
N LEU E 178 -9.05 27.49 -23.52
CA LEU E 178 -10.43 27.87 -23.96
C LEU E 178 -10.78 27.07 -25.23
N LYS E 179 -11.97 26.46 -25.24
CA LYS E 179 -12.48 25.64 -26.38
C LYS E 179 -13.00 26.56 -27.48
N GLU E 180 -12.39 26.51 -28.67
CA GLU E 180 -12.79 27.32 -29.85
C GLU E 180 -14.17 26.88 -30.34
N GLN E 181 -14.47 25.58 -30.23
CA GLN E 181 -15.82 24.98 -30.48
C GLN E 181 -16.21 24.16 -29.25
N PRO E 182 -16.85 24.76 -28.22
CA PRO E 182 -17.34 24.00 -27.07
C PRO E 182 -18.29 22.87 -27.48
N ALA E 183 -18.97 23.04 -28.61
CA ALA E 183 -19.91 22.06 -29.23
C ALA E 183 -19.19 20.73 -29.50
N LEU E 184 -18.01 20.78 -30.13
CA LEU E 184 -17.20 19.58 -30.50
C LEU E 184 -16.52 19.00 -29.24
N ASN E 185 -16.10 17.74 -29.30
CA ASN E 185 -15.34 17.05 -28.23
C ASN E 185 -13.85 16.99 -28.60
N ASP E 186 -13.51 17.24 -29.88
CA ASP E 186 -12.13 17.20 -30.42
C ASP E 186 -11.60 18.63 -30.60
N SER E 187 -12.40 19.64 -30.23
CA SER E 187 -12.18 21.09 -30.51
C SER E 187 -10.77 21.53 -30.13
N ARG E 188 -10.18 22.42 -30.95
CA ARG E 188 -8.86 23.04 -30.71
C ARG E 188 -9.00 24.09 -29.60
N TYR E 189 -7.86 24.49 -29.01
CA TYR E 189 -7.79 25.35 -27.79
C TYR E 189 -7.27 26.75 -28.16
N ALA E 190 -7.62 27.74 -27.34
CA ALA E 190 -7.15 29.14 -27.41
C ALA E 190 -6.68 29.59 -26.02
N LEU E 191 -5.52 30.26 -25.94
CA LEU E 191 -4.93 30.76 -24.67
C LEU E 191 -4.49 32.21 -24.85
N SER E 192 -4.66 33.02 -23.80
CA SER E 192 -4.28 34.46 -23.76
C SER E 192 -3.45 34.74 -22.50
N SER E 193 -2.45 35.62 -22.63
CA SER E 193 -1.55 36.06 -21.54
C SER E 193 -1.37 37.58 -21.63
N ARG E 194 -1.28 38.25 -20.47
CA ARG E 194 -1.13 39.72 -20.35
C ARG E 194 0.29 40.03 -19.86
N LEU E 195 0.99 40.96 -20.52
CA LEU E 195 2.24 41.60 -20.03
C LEU E 195 1.99 43.09 -19.86
N ARG E 196 1.81 43.56 -18.62
CA ARG E 196 1.65 44.99 -18.29
C ARG E 196 3.02 45.57 -17.92
N VAL E 197 3.21 46.85 -18.23
CA VAL E 197 4.54 47.54 -18.23
C VAL E 197 4.28 49.05 -18.25
N SER E 198 5.16 49.84 -17.64
CA SER E 198 5.05 51.32 -17.57
C SER E 198 4.97 51.89 -18.99
N ALA E 199 4.13 52.90 -19.21
CA ALA E 199 3.96 53.62 -20.50
C ALA E 199 5.34 54.01 -21.05
N THR E 200 6.21 54.55 -20.17
CA THR E 200 7.61 54.96 -20.46
C THR E 200 8.37 53.82 -21.16
N PHE E 201 8.26 52.60 -20.62
CA PHE E 201 8.99 51.38 -21.06
C PHE E 201 8.46 50.91 -22.41
N TRP E 202 7.14 50.99 -22.64
CA TRP E 202 6.50 50.68 -23.94
C TRP E 202 6.91 51.74 -24.98
N GLN E 203 6.97 53.01 -24.56
CA GLN E 203 7.25 54.18 -25.44
C GLN E 203 8.71 54.13 -25.93
N ASP E 204 9.62 53.55 -25.14
CA ASP E 204 11.06 53.40 -25.49
C ASP E 204 11.18 52.43 -26.68
N PRO E 205 11.62 52.92 -27.87
CA PRO E 205 11.68 52.08 -29.06
C PRO E 205 12.82 51.05 -29.10
N ARG E 206 13.72 51.08 -28.10
CA ARG E 206 14.86 50.14 -27.94
C ARG E 206 14.42 48.89 -27.17
N ASN E 207 13.22 48.90 -26.59
CA ASN E 207 12.63 47.75 -25.85
C ASN E 207 12.00 46.77 -26.84
N HIS E 208 12.46 45.51 -26.82
CA HIS E 208 11.94 44.38 -27.65
C HIS E 208 10.99 43.52 -26.81
N PHE E 209 9.78 43.26 -27.32
CA PHE E 209 8.75 42.41 -26.68
C PHE E 209 8.48 41.20 -27.56
N ARG E 210 8.31 40.01 -26.94
CA ARG E 210 8.03 38.73 -27.64
C ARG E 210 7.35 37.76 -26.66
N CYS E 211 6.15 37.27 -27.02
CA CYS E 211 5.49 36.12 -26.35
C CYS E 211 5.75 34.86 -27.19
N GLN E 212 6.15 33.76 -26.56
CA GLN E 212 6.47 32.48 -27.24
C GLN E 212 5.62 31.36 -26.63
N VAL E 213 5.24 30.38 -27.45
CA VAL E 213 4.48 29.16 -27.05
C VAL E 213 5.28 27.93 -27.47
N GLN E 214 5.85 27.21 -26.49
CA GLN E 214 6.43 25.85 -26.68
C GLN E 214 5.27 24.86 -26.78
N PHE E 215 5.02 24.32 -27.98
CA PHE E 215 4.00 23.29 -28.25
C PHE E 215 4.68 21.92 -28.30
N TYR E 216 4.14 20.94 -27.57
CA TYR E 216 4.59 19.52 -27.55
C TYR E 216 3.57 18.67 -28.34
N GLY E 217 3.89 18.39 -29.60
CA GLY E 217 3.03 17.60 -30.52
C GLY E 217 3.58 16.20 -30.70
N LEU E 218 3.99 15.87 -31.93
CA LEU E 218 4.43 14.50 -32.34
C LEU E 218 5.96 14.44 -32.36
N SER E 219 6.52 13.26 -32.08
CA SER E 219 7.98 12.94 -32.15
C SER E 219 8.34 12.60 -33.60
N GLU E 220 9.63 12.47 -33.90
CA GLU E 220 10.15 12.11 -35.24
C GLU E 220 9.74 10.66 -35.58
N ASN E 221 9.41 9.85 -34.56
CA ASN E 221 9.00 8.43 -34.70
C ASN E 221 7.57 8.35 -35.27
N ASP E 222 6.67 9.21 -34.79
CA ASP E 222 5.23 9.25 -35.16
C ASP E 222 5.08 9.34 -36.68
N GLU E 223 4.20 8.51 -37.25
CA GLU E 223 3.89 8.49 -38.72
C GLU E 223 2.99 9.68 -39.06
N TRP E 224 3.18 10.27 -40.24
CA TRP E 224 2.41 11.44 -40.74
C TRP E 224 2.47 11.52 -42.27
N THR E 225 1.34 11.30 -42.94
CA THR E 225 1.21 11.32 -44.42
C THR E 225 0.11 12.30 -44.87
N GLN E 226 -0.41 13.13 -43.95
CA GLN E 226 -1.48 14.13 -44.25
C GLN E 226 -0.90 15.24 -45.14
N ASP E 227 -1.73 15.77 -46.05
CA ASP E 227 -1.37 16.94 -46.90
C ASP E 227 -1.34 18.19 -46.02
N ARG E 228 -0.27 18.35 -45.24
CA ARG E 228 -0.07 19.41 -44.21
C ARG E 228 1.29 19.17 -43.53
N ALA E 229 2.00 20.23 -43.18
CA ALA E 229 3.27 20.18 -42.41
C ALA E 229 3.03 19.45 -41.09
N LYS E 230 3.78 18.38 -40.82
CA LYS E 230 3.66 17.53 -39.60
C LYS E 230 3.65 18.45 -38.37
N PRO E 231 2.65 18.33 -37.48
CA PRO E 231 2.57 19.17 -36.28
C PRO E 231 3.57 18.70 -35.22
N VAL E 232 4.86 18.91 -35.47
CA VAL E 232 5.99 18.50 -34.57
C VAL E 232 6.01 19.42 -33.36
N THR E 233 6.63 18.96 -32.27
CA THR E 233 7.01 19.77 -31.09
C THR E 233 7.86 20.96 -31.58
N GLN E 234 7.41 22.19 -31.33
CA GLN E 234 8.01 23.43 -31.88
C GLN E 234 7.65 24.63 -31.00
N ILE E 235 8.47 25.68 -31.08
CA ILE E 235 8.19 27.04 -30.52
C ILE E 235 7.54 27.88 -31.63
N VAL E 236 6.43 28.56 -31.32
CA VAL E 236 5.77 29.54 -32.23
C VAL E 236 5.70 30.88 -31.51
N SER E 237 6.31 31.92 -32.08
CA SER E 237 6.53 33.25 -31.46
C SER E 237 5.94 34.36 -32.34
N ALA E 238 5.22 35.30 -31.72
CA ALA E 238 4.89 36.64 -32.25
C ALA E 238 5.63 37.67 -31.40
N GLU E 239 5.90 38.86 -31.94
CA GLU E 239 6.70 39.91 -31.24
C GLU E 239 6.29 41.31 -31.70
N ALA E 240 6.77 42.33 -30.97
CA ALA E 240 6.52 43.78 -31.21
C ALA E 240 7.64 44.58 -30.56
N TRP E 241 7.99 45.73 -31.16
CA TRP E 241 8.97 46.71 -30.60
C TRP E 241 8.24 47.80 -29.83
N GLY E 242 8.96 48.59 -29.04
CA GLY E 242 8.46 49.82 -28.40
C GLY E 242 8.34 50.95 -29.40
N ARG E 243 7.64 52.04 -29.03
CA ARG E 243 7.34 53.17 -29.96
C ARG E 243 6.65 54.31 -29.19
N ALA E 244 7.05 55.55 -29.48
CA ALA E 244 6.48 56.80 -28.89
C ALA E 244 5.36 57.32 -29.80
#